data_5JPX
#
_entry.id   5JPX
#
loop_
_entity.id
_entity.type
_entity.pdbx_description
1 polymer 'E3 ubiquitin-protein ligase TRIM21'
2 non-polymer 'ZINC ION'
#
_entity_poly.entity_id   1
_entity_poly.type   'polypeptide(L)'
_entity_poly.pdbx_seq_one_letter_code
;GTQGERCAVHGERLHLFCEKDGKALCWVCAQSRKHRDHAMVPLEE
;
_entity_poly.pdbx_strand_id   A
#
# COMPACT_ATOMS: atom_id res chain seq x y z
N GLY A 1 13.61 -14.11 -1.19
CA GLY A 1 12.92 -14.96 -0.22
C GLY A 1 12.48 -14.18 1.01
N THR A 2 12.36 -12.85 0.82
CA THR A 2 12.08 -11.89 1.89
C THR A 2 10.59 -11.99 2.33
N GLN A 3 10.33 -12.86 3.33
CA GLN A 3 8.98 -13.05 3.91
C GLN A 3 8.54 -11.75 4.59
N GLY A 4 7.67 -11.00 3.91
CA GLY A 4 7.24 -9.67 4.33
C GLY A 4 7.52 -8.66 3.21
N GLU A 5 6.46 -8.25 2.51
CA GLU A 5 6.56 -7.27 1.41
C GLU A 5 6.48 -5.85 1.99
N ARG A 6 7.64 -5.21 2.15
CA ARG A 6 7.76 -3.83 2.67
C ARG A 6 7.66 -2.82 1.52
N CYS A 7 7.24 -1.59 1.86
CA CYS A 7 7.28 -0.45 0.94
C CYS A 7 8.76 0.00 0.81
N ALA A 8 9.41 -0.41 -0.29
CA ALA A 8 10.86 -0.26 -0.51
C ALA A 8 11.29 1.21 -0.67
N VAL A 9 10.36 2.05 -1.19
CA VAL A 9 10.59 3.48 -1.44
C VAL A 9 10.97 4.22 -0.13
N HIS A 10 10.24 3.92 0.96
CA HIS A 10 10.44 4.60 2.26
C HIS A 10 11.34 3.75 3.18
N GLY A 11 11.13 2.43 3.11
CA GLY A 11 11.81 1.47 3.98
C GLY A 11 10.98 1.16 5.21
N GLU A 12 9.69 0.84 4.99
CA GLU A 12 8.72 0.56 6.09
C GLU A 12 7.83 -0.64 5.72
N ARG A 13 7.18 -1.24 6.75
CA ARG A 13 6.13 -2.26 6.58
C ARG A 13 4.88 -1.62 5.95
N LEU A 14 4.25 -2.29 4.98
CA LEU A 14 3.09 -1.74 4.25
C LEU A 14 1.80 -2.50 4.60
N HIS A 15 0.69 -1.76 4.79
CA HIS A 15 -0.67 -2.32 4.87
C HIS A 15 -1.66 -1.39 4.14
N LEU A 16 -1.92 -1.74 2.87
CA LEU A 16 -2.97 -1.13 2.02
C LEU A 16 -3.07 -2.01 0.76
N PHE A 17 -4.29 -2.22 0.26
CA PHE A 17 -4.53 -2.95 -1.00
C PHE A 17 -5.36 -2.08 -1.93
N CYS A 18 -4.75 -1.62 -3.01
CA CYS A 18 -5.47 -0.99 -4.10
C CYS A 18 -6.22 -2.09 -4.85
N GLU A 19 -7.54 -2.07 -4.77
CA GLU A 19 -8.40 -2.96 -5.55
C GLU A 19 -8.42 -2.49 -7.02
N LYS A 20 -8.43 -1.16 -7.18
CA LYS A 20 -8.40 -0.47 -8.48
C LYS A 20 -7.12 -0.78 -9.28
N ASP A 21 -5.97 -0.67 -8.59
CA ASP A 21 -4.64 -0.95 -9.18
C ASP A 21 -4.32 -2.46 -9.11
N GLY A 22 -4.88 -3.12 -8.10
CA GLY A 22 -4.56 -4.52 -7.79
C GLY A 22 -3.11 -4.68 -7.30
N LYS A 23 -2.71 -3.76 -6.41
CA LYS A 23 -1.32 -3.64 -5.91
C LYS A 23 -1.34 -3.46 -4.37
N ALA A 24 -0.23 -3.79 -3.70
CA ALA A 24 -0.10 -3.67 -2.23
C ALA A 24 0.73 -2.43 -1.87
N LEU A 25 0.06 -1.40 -1.34
CA LEU A 25 0.69 -0.14 -0.90
C LEU A 25 0.71 -0.05 0.63
N CYS A 26 1.17 1.08 1.18
CA CYS A 26 1.12 1.36 2.63
C CYS A 26 0.11 2.47 2.92
N TRP A 27 -0.08 2.78 4.23
CA TRP A 27 -0.91 3.92 4.68
C TRP A 27 -0.40 5.24 4.08
N VAL A 28 0.93 5.43 4.05
CA VAL A 28 1.58 6.65 3.51
C VAL A 28 1.25 6.86 2.00
N CYS A 29 1.17 5.74 1.25
CA CYS A 29 0.80 5.75 -0.19
C CYS A 29 -0.73 5.92 -0.37
N ALA A 30 -1.51 5.58 0.67
CA ALA A 30 -2.96 5.88 0.69
C ALA A 30 -3.17 7.40 0.92
N GLN A 31 -2.27 7.99 1.73
CA GLN A 31 -2.24 9.44 2.04
C GLN A 31 -1.60 10.25 0.90
N SER A 32 -1.02 9.54 -0.11
CA SER A 32 -0.34 10.16 -1.25
C SER A 32 -1.32 10.97 -2.10
N ARG A 33 -0.90 12.19 -2.46
CA ARG A 33 -1.67 13.10 -3.34
C ARG A 33 -1.79 12.53 -4.77
N LYS A 34 -0.91 11.55 -5.09
CA LYS A 34 -0.89 10.84 -6.38
C LYS A 34 -2.13 9.96 -6.55
N HIS A 35 -2.27 8.99 -5.63
CA HIS A 35 -3.14 7.83 -5.79
C HIS A 35 -4.59 8.20 -5.43
N ARG A 36 -5.46 8.19 -6.46
CA ARG A 36 -6.89 8.53 -6.34
C ARG A 36 -7.62 7.50 -5.46
N ASP A 37 -7.89 7.91 -4.22
CA ASP A 37 -8.58 7.10 -3.21
C ASP A 37 -10.05 6.80 -3.62
N HIS A 38 -10.35 5.51 -3.81
CA HIS A 38 -11.70 5.01 -4.09
C HIS A 38 -11.74 3.52 -3.72
N ALA A 39 -11.24 2.66 -4.64
CA ALA A 39 -11.22 1.21 -4.46
C ALA A 39 -9.87 0.81 -3.85
N MET A 40 -9.70 1.14 -2.55
CA MET A 40 -8.49 0.81 -1.78
C MET A 40 -8.92 0.47 -0.33
N VAL A 41 -8.65 -0.76 0.11
CA VAL A 41 -8.91 -1.21 1.49
C VAL A 41 -7.58 -1.67 2.14
N PRO A 42 -7.31 -1.32 3.45
CA PRO A 42 -6.08 -1.78 4.15
C PRO A 42 -6.00 -3.32 4.30
N LEU A 43 -4.76 -3.84 4.43
CA LEU A 43 -4.49 -5.29 4.53
C LEU A 43 -4.87 -5.81 5.93
N GLU A 44 -6.13 -6.31 6.06
CA GLU A 44 -6.73 -6.67 7.36
C GLU A 44 -6.63 -8.17 7.65
N GLU A 45 -5.65 -8.82 7.01
CA GLU A 45 -5.43 -10.27 7.15
C GLU A 45 -4.63 -10.55 8.44
N GLY A 1 18.85 -10.91 6.55
CA GLY A 1 17.86 -11.93 6.92
C GLY A 1 16.46 -11.37 7.18
N THR A 2 15.93 -10.63 6.20
CA THR A 2 14.57 -10.09 6.21
C THR A 2 14.04 -10.07 4.76
N GLN A 3 12.77 -10.43 4.59
CA GLN A 3 12.07 -10.45 3.28
C GLN A 3 10.61 -9.98 3.44
N GLY A 4 10.29 -9.40 4.62
CA GLY A 4 8.95 -8.89 4.90
C GLY A 4 8.52 -7.83 3.90
N GLU A 5 7.31 -7.99 3.31
CA GLU A 5 6.82 -7.12 2.23
C GLU A 5 6.49 -5.71 2.78
N ARG A 6 7.50 -4.85 2.66
CA ARG A 6 7.46 -3.44 3.06
C ARG A 6 7.42 -2.56 1.81
N CYS A 7 6.83 -1.35 1.93
CA CYS A 7 6.84 -0.35 0.85
C CYS A 7 8.30 0.03 0.55
N ALA A 8 8.85 -0.53 -0.56
CA ALA A 8 10.28 -0.43 -0.91
C ALA A 8 10.75 1.00 -1.19
N VAL A 9 9.79 1.90 -1.47
CA VAL A 9 10.06 3.32 -1.79
C VAL A 9 10.64 4.07 -0.57
N HIS A 10 10.07 3.79 0.61
CA HIS A 10 10.47 4.46 1.89
C HIS A 10 11.34 3.50 2.73
N GLY A 11 10.95 2.21 2.68
CA GLY A 11 11.59 1.15 3.46
C GLY A 11 10.86 0.88 4.78
N GLU A 12 9.51 0.96 4.74
CA GLU A 12 8.65 0.77 5.94
C GLU A 12 7.51 -0.18 5.61
N ARG A 13 6.97 -0.88 6.64
CA ARG A 13 5.96 -1.93 6.48
C ARG A 13 4.63 -1.36 5.96
N LEU A 14 4.06 -2.02 4.94
CA LEU A 14 2.86 -1.55 4.24
C LEU A 14 1.62 -2.26 4.77
N HIS A 15 0.48 -1.54 4.81
CA HIS A 15 -0.85 -2.15 4.97
C HIS A 15 -1.88 -1.35 4.15
N LEU A 16 -2.10 -1.81 2.91
CA LEU A 16 -3.13 -1.30 2.00
C LEU A 16 -3.15 -2.27 0.78
N PHE A 17 -4.33 -2.60 0.28
CA PHE A 17 -4.49 -3.40 -0.95
C PHE A 17 -5.40 -2.64 -1.91
N CYS A 18 -4.86 -2.23 -3.06
CA CYS A 18 -5.61 -1.47 -4.05
C CYS A 18 -6.40 -2.44 -4.94
N GLU A 19 -7.72 -2.21 -5.06
CA GLU A 19 -8.65 -3.08 -5.79
C GLU A 19 -8.43 -2.98 -7.32
N LYS A 20 -8.30 -1.73 -7.81
CA LYS A 20 -8.11 -1.46 -9.26
C LYS A 20 -6.71 -1.92 -9.73
N ASP A 21 -5.74 -1.83 -8.82
CA ASP A 21 -4.31 -2.04 -9.11
C ASP A 21 -3.89 -3.50 -8.83
N GLY A 22 -4.62 -4.15 -7.90
CA GLY A 22 -4.41 -5.55 -7.53
C GLY A 22 -3.06 -5.81 -6.89
N LYS A 23 -2.57 -4.83 -6.12
CA LYS A 23 -1.23 -4.84 -5.49
C LYS A 23 -1.33 -4.26 -4.07
N ALA A 24 -0.29 -4.56 -3.26
CA ALA A 24 -0.24 -4.17 -1.84
C ALA A 24 0.55 -2.85 -1.66
N LEU A 25 -0.19 -1.74 -1.46
CA LEU A 25 0.38 -0.40 -1.20
C LEU A 25 0.52 -0.17 0.33
N CYS A 26 0.96 1.05 0.72
CA CYS A 26 1.04 1.46 2.15
C CYS A 26 0.08 2.65 2.41
N TRP A 27 -0.05 3.02 3.71
CA TRP A 27 -0.86 4.19 4.14
C TRP A 27 -0.34 5.51 3.50
N VAL A 28 0.99 5.72 3.55
CA VAL A 28 1.62 6.96 3.05
C VAL A 28 1.29 7.20 1.55
N CYS A 29 1.29 6.10 0.76
CA CYS A 29 0.96 6.14 -0.69
C CYS A 29 -0.57 6.22 -0.92
N ALA A 30 -1.36 5.68 0.04
CA ALA A 30 -2.83 5.71 -0.03
C ALA A 30 -3.36 7.16 0.12
N GLN A 31 -2.69 7.95 0.99
CA GLN A 31 -3.05 9.36 1.24
C GLN A 31 -2.04 10.34 0.59
N SER A 32 -1.12 9.80 -0.25
CA SER A 32 -0.09 10.62 -0.96
C SER A 32 -0.78 11.65 -1.86
N ARG A 33 -0.20 12.86 -1.96
CA ARG A 33 -0.77 13.98 -2.75
C ARG A 33 -0.80 13.69 -4.26
N LYS A 34 -0.18 12.56 -4.68
CA LYS A 34 -0.20 12.09 -6.06
C LYS A 34 -1.58 11.51 -6.44
N HIS A 35 -2.23 10.83 -5.46
CA HIS A 35 -3.53 10.13 -5.65
C HIS A 35 -4.43 10.30 -4.40
N ARG A 36 -5.56 9.57 -4.36
CA ARG A 36 -6.42 9.47 -3.15
C ARG A 36 -6.91 8.03 -2.98
N ASP A 37 -7.70 7.79 -1.93
CA ASP A 37 -8.32 6.48 -1.66
C ASP A 37 -9.70 6.40 -2.35
N HIS A 38 -9.92 5.32 -3.12
CA HIS A 38 -11.23 4.99 -3.72
C HIS A 38 -11.33 3.46 -3.92
N ALA A 39 -10.73 2.96 -5.02
CA ALA A 39 -10.70 1.51 -5.32
C ALA A 39 -9.50 0.88 -4.61
N MET A 40 -9.65 0.72 -3.28
CA MET A 40 -8.61 0.21 -2.38
C MET A 40 -9.21 -0.07 -0.99
N VAL A 41 -8.94 -1.27 -0.48
CA VAL A 41 -9.32 -1.71 0.89
C VAL A 41 -8.05 -1.77 1.78
N PRO A 42 -8.16 -1.54 3.12
CA PRO A 42 -6.99 -1.64 4.04
C PRO A 42 -6.61 -3.12 4.36
N LEU A 43 -5.29 -3.41 4.43
CA LEU A 43 -4.81 -4.73 4.86
C LEU A 43 -4.86 -4.83 6.40
N GLU A 44 -5.99 -5.34 6.92
CA GLU A 44 -6.18 -5.58 8.36
C GLU A 44 -6.09 -7.10 8.60
N GLU A 45 -4.84 -7.59 8.65
CA GLU A 45 -4.52 -9.02 8.76
C GLU A 45 -4.78 -9.51 10.20
N GLY A 1 6.29 -15.09 7.44
CA GLY A 1 4.88 -15.20 7.05
C GLY A 1 4.75 -14.96 5.56
N THR A 2 5.12 -13.74 5.15
CA THR A 2 5.25 -13.35 3.74
C THR A 2 6.74 -13.39 3.34
N GLN A 3 7.15 -12.60 2.32
CA GLN A 3 8.57 -12.39 1.97
C GLN A 3 9.16 -11.23 2.85
N GLY A 4 8.48 -10.89 3.96
CA GLY A 4 8.80 -9.69 4.74
C GLY A 4 8.56 -8.43 3.90
N GLU A 5 7.40 -8.46 3.21
CA GLU A 5 7.04 -7.50 2.15
C GLU A 5 6.85 -6.09 2.72
N ARG A 6 7.80 -5.21 2.37
CA ARG A 6 7.88 -3.84 2.85
C ARG A 6 7.83 -2.86 1.67
N CYS A 7 7.30 -1.65 1.94
CA CYS A 7 7.28 -0.56 0.95
C CYS A 7 8.74 -0.13 0.69
N ALA A 8 9.30 -0.58 -0.46
CA ALA A 8 10.74 -0.43 -0.78
C ALA A 8 11.20 1.05 -0.82
N VAL A 9 10.26 1.95 -1.16
CA VAL A 9 10.51 3.40 -1.29
C VAL A 9 11.09 4.00 0.01
N HIS A 10 10.51 3.60 1.16
CA HIS A 10 10.89 4.12 2.49
C HIS A 10 11.75 3.07 3.24
N GLY A 11 11.41 1.79 3.02
CA GLY A 11 12.03 0.65 3.71
C GLY A 11 11.15 0.10 4.85
N GLU A 12 10.01 0.77 5.09
CA GLU A 12 9.05 0.42 6.17
C GLU A 12 8.10 -0.71 5.73
N ARG A 13 7.43 -1.34 6.71
CA ARG A 13 6.37 -2.34 6.48
C ARG A 13 5.17 -1.70 5.76
N LEU A 14 4.42 -2.50 4.96
CA LEU A 14 3.22 -2.03 4.25
C LEU A 14 1.98 -2.80 4.74
N HIS A 15 0.84 -2.09 4.87
CA HIS A 15 -0.50 -2.70 5.04
C HIS A 15 -1.54 -1.76 4.42
N LEU A 16 -1.86 -2.05 3.15
CA LEU A 16 -2.96 -1.43 2.38
C LEU A 16 -3.09 -2.24 1.09
N PHE A 17 -4.31 -2.44 0.59
CA PHE A 17 -4.56 -3.12 -0.69
C PHE A 17 -5.50 -2.27 -1.52
N CYS A 18 -4.96 -1.59 -2.53
CA CYS A 18 -5.77 -0.79 -3.45
C CYS A 18 -6.24 -1.74 -4.55
N GLU A 19 -7.56 -1.89 -4.68
CA GLU A 19 -8.17 -2.85 -5.61
C GLU A 19 -8.11 -2.34 -7.07
N LYS A 20 -8.35 -1.03 -7.24
CA LYS A 20 -8.28 -0.36 -8.57
C LYS A 20 -6.84 -0.35 -9.12
N ASP A 21 -5.87 -0.12 -8.21
CA ASP A 21 -4.43 -0.12 -8.56
C ASP A 21 -3.90 -1.58 -8.60
N GLY A 22 -4.54 -2.44 -7.78
CA GLY A 22 -4.23 -3.86 -7.70
C GLY A 22 -2.84 -4.14 -7.15
N LYS A 23 -2.42 -3.30 -6.19
CA LYS A 23 -1.12 -3.39 -5.52
C LYS A 23 -1.28 -3.29 -4.01
N ALA A 24 -0.43 -4.02 -3.27
CA ALA A 24 -0.34 -3.91 -1.82
C ALA A 24 0.55 -2.70 -1.47
N LEU A 25 -0.13 -1.59 -1.13
CA LEU A 25 0.52 -0.32 -0.79
C LEU A 25 0.71 -0.19 0.73
N CYS A 26 1.24 0.95 1.17
CA CYS A 26 1.34 1.31 2.60
C CYS A 26 0.41 2.51 2.86
N TRP A 27 0.12 2.78 4.14
CA TRP A 27 -0.73 3.91 4.58
C TRP A 27 -0.15 5.28 4.12
N VAL A 28 1.20 5.40 4.12
CA VAL A 28 1.91 6.63 3.69
C VAL A 28 1.59 6.95 2.20
N CYS A 29 1.66 5.92 1.33
CA CYS A 29 1.38 6.08 -0.13
C CYS A 29 -0.15 6.13 -0.39
N ALA A 30 -0.95 5.66 0.59
CA ALA A 30 -2.42 5.71 0.53
C ALA A 30 -2.91 7.15 0.80
N GLN A 31 -2.26 7.81 1.79
CA GLN A 31 -2.55 9.20 2.17
C GLN A 31 -1.90 10.18 1.18
N SER A 32 -0.91 9.67 0.40
CA SER A 32 -0.30 10.44 -0.69
C SER A 32 -1.34 10.65 -1.79
N ARG A 33 -1.72 11.93 -2.00
CA ARG A 33 -2.70 12.31 -3.05
C ARG A 33 -2.04 12.26 -4.44
N LYS A 34 -1.87 11.03 -4.92
CA LYS A 34 -1.20 10.75 -6.21
C LYS A 34 -2.13 11.13 -7.37
N HIS A 35 -3.33 10.52 -7.38
CA HIS A 35 -4.34 10.73 -8.43
C HIS A 35 -5.72 10.86 -7.77
N ARG A 36 -6.31 9.69 -7.41
CA ARG A 36 -7.64 9.59 -6.81
C ARG A 36 -7.99 8.12 -6.60
N ASP A 37 -8.25 7.73 -5.35
CA ASP A 37 -8.69 6.35 -5.02
C ASP A 37 -10.22 6.23 -5.12
N HIS A 38 -10.68 5.01 -5.41
CA HIS A 38 -12.11 4.65 -5.52
C HIS A 38 -12.39 3.34 -4.75
N ALA A 39 -11.30 2.61 -4.37
CA ALA A 39 -11.39 1.30 -3.70
C ALA A 39 -10.01 0.90 -3.14
N MET A 40 -9.81 1.12 -1.84
CA MET A 40 -8.67 0.57 -1.09
C MET A 40 -9.18 -0.06 0.22
N VAL A 41 -8.87 -1.34 0.44
CA VAL A 41 -9.19 -2.05 1.68
C VAL A 41 -7.91 -2.22 2.54
N PRO A 42 -7.98 -2.00 3.89
CA PRO A 42 -6.82 -2.17 4.79
C PRO A 42 -6.43 -3.66 4.98
N LEU A 43 -5.14 -3.97 4.80
CA LEU A 43 -4.59 -5.31 5.07
C LEU A 43 -4.38 -5.48 6.58
N GLU A 44 -5.03 -6.49 7.16
CA GLU A 44 -4.86 -6.89 8.56
C GLU A 44 -4.77 -8.42 8.64
N GLU A 45 -3.83 -8.95 9.44
CA GLU A 45 -3.63 -10.40 9.61
C GLU A 45 -4.76 -10.98 10.50
N GLY A 1 13.61 -12.97 -4.10
CA GLY A 1 14.10 -12.54 -2.79
C GLY A 1 12.97 -11.99 -1.95
N THR A 2 12.98 -12.31 -0.63
CA THR A 2 11.92 -11.89 0.31
C THR A 2 12.46 -10.78 1.25
N GLN A 3 11.89 -9.58 1.10
CA GLN A 3 12.20 -8.41 1.98
C GLN A 3 11.02 -8.12 2.93
N GLY A 4 10.02 -9.01 2.93
CA GLY A 4 8.80 -8.82 3.73
C GLY A 4 7.80 -7.89 3.06
N GLU A 5 6.61 -7.73 3.67
CA GLU A 5 5.55 -6.84 3.18
C GLU A 5 5.91 -5.40 3.58
N ARG A 6 6.89 -4.85 2.86
CA ARG A 6 7.47 -3.53 3.11
C ARG A 6 7.40 -2.68 1.84
N CYS A 7 6.93 -1.41 1.98
CA CYS A 7 6.86 -0.45 0.89
C CYS A 7 8.29 -0.11 0.47
N ALA A 8 8.75 -0.74 -0.64
CA ALA A 8 10.16 -0.65 -1.11
C ALA A 8 10.59 0.82 -1.41
N VAL A 9 9.59 1.67 -1.71
CA VAL A 9 9.79 3.08 -2.09
C VAL A 9 10.41 3.90 -0.92
N HIS A 10 9.95 3.64 0.32
CA HIS A 10 10.44 4.36 1.53
C HIS A 10 11.39 3.44 2.33
N GLY A 11 11.09 2.12 2.28
CA GLY A 11 11.80 1.09 3.04
C GLY A 11 11.02 0.64 4.28
N GLU A 12 9.94 1.37 4.63
CA GLU A 12 9.06 1.01 5.79
C GLU A 12 8.18 -0.20 5.43
N ARG A 13 7.33 -0.64 6.38
CA ARG A 13 6.30 -1.69 6.15
C ARG A 13 5.16 -1.17 5.23
N LEU A 14 4.17 -2.05 4.99
CA LEU A 14 2.95 -1.70 4.26
C LEU A 14 1.78 -2.57 4.74
N HIS A 15 0.58 -1.99 4.77
CA HIS A 15 -0.70 -2.72 4.88
C HIS A 15 -1.79 -1.86 4.21
N LEU A 16 -2.01 -2.13 2.92
CA LEU A 16 -3.08 -1.53 2.08
C LEU A 16 -3.08 -2.33 0.77
N PHE A 17 -4.24 -2.51 0.15
CA PHE A 17 -4.36 -3.20 -1.15
C PHE A 17 -5.39 -2.45 -2.00
N CYS A 18 -4.93 -1.76 -3.03
CA CYS A 18 -5.81 -1.01 -3.94
C CYS A 18 -6.44 -1.98 -4.95
N GLU A 19 -7.71 -1.72 -5.29
CA GLU A 19 -8.50 -2.59 -6.18
C GLU A 19 -8.10 -2.41 -7.66
N LYS A 20 -7.86 -1.14 -8.07
CA LYS A 20 -7.43 -0.83 -9.46
C LYS A 20 -5.94 -1.10 -9.66
N ASP A 21 -5.11 -0.64 -8.72
CA ASP A 21 -3.65 -0.84 -8.74
C ASP A 21 -3.32 -2.35 -8.59
N GLY A 22 -4.19 -3.04 -7.83
CA GLY A 22 -4.14 -4.49 -7.66
C GLY A 22 -2.91 -5.01 -6.94
N LYS A 23 -2.18 -4.10 -6.27
CA LYS A 23 -0.95 -4.42 -5.56
C LYS A 23 -1.04 -3.91 -4.12
N ALA A 24 -0.07 -4.34 -3.29
CA ALA A 24 0.00 -4.02 -1.87
C ALA A 24 0.68 -2.65 -1.66
N LEU A 25 -0.15 -1.63 -1.34
CA LEU A 25 0.33 -0.28 -0.99
C LEU A 25 0.52 -0.15 0.54
N CYS A 26 0.93 1.04 0.98
CA CYS A 26 0.99 1.41 2.41
C CYS A 26 0.03 2.57 2.67
N TRP A 27 -0.31 2.81 3.94
CA TRP A 27 -1.20 3.90 4.37
C TRP A 27 -0.64 5.30 3.98
N VAL A 28 0.71 5.44 4.01
CA VAL A 28 1.42 6.68 3.58
C VAL A 28 1.07 7.01 2.09
N CYS A 29 1.10 5.98 1.24
CA CYS A 29 0.77 6.10 -0.20
C CYS A 29 -0.76 6.26 -0.41
N ALA A 30 -1.55 5.69 0.52
CA ALA A 30 -3.03 5.79 0.49
C ALA A 30 -3.49 7.24 0.74
N GLN A 31 -2.76 7.95 1.62
CA GLN A 31 -3.03 9.37 1.94
C GLN A 31 -2.49 10.30 0.83
N SER A 32 -1.46 9.84 0.11
CA SER A 32 -0.80 10.61 -0.95
C SER A 32 -1.79 10.96 -2.08
N ARG A 33 -2.02 12.27 -2.27
CA ARG A 33 -2.91 12.81 -3.32
C ARG A 33 -2.37 12.52 -4.73
N LYS A 34 -1.07 12.17 -4.81
CA LYS A 34 -0.38 11.71 -6.04
C LYS A 34 -1.19 10.61 -6.76
N HIS A 35 -1.60 9.60 -5.98
CA HIS A 35 -2.43 8.47 -6.46
C HIS A 35 -3.56 8.21 -5.44
N ARG A 36 -4.25 9.32 -5.09
CA ARG A 36 -5.42 9.31 -4.19
C ARG A 36 -6.54 8.44 -4.76
N ASP A 37 -6.96 7.42 -3.99
CA ASP A 37 -8.03 6.51 -4.41
C ASP A 37 -8.85 6.06 -3.19
N HIS A 38 -10.14 5.80 -3.44
CA HIS A 38 -11.13 5.37 -2.44
C HIS A 38 -11.40 3.86 -2.59
N ALA A 39 -11.17 3.33 -3.83
CA ALA A 39 -11.32 1.91 -4.15
C ALA A 39 -10.08 1.12 -3.68
N MET A 40 -9.98 0.98 -2.36
CA MET A 40 -8.89 0.26 -1.68
C MET A 40 -9.41 -0.39 -0.39
N VAL A 41 -8.70 -1.45 0.07
CA VAL A 41 -9.04 -2.22 1.28
C VAL A 41 -7.82 -2.27 2.22
N PRO A 42 -8.00 -2.29 3.58
CA PRO A 42 -6.87 -2.48 4.53
C PRO A 42 -6.40 -3.96 4.61
N LEU A 43 -5.09 -4.21 4.44
CA LEU A 43 -4.49 -5.55 4.62
C LEU A 43 -4.37 -5.88 6.11
N GLU A 44 -5.37 -6.58 6.65
CA GLU A 44 -5.40 -6.98 8.06
C GLU A 44 -6.47 -8.06 8.25
N GLU A 45 -6.02 -9.33 8.41
CA GLU A 45 -6.92 -10.50 8.57
C GLU A 45 -6.73 -11.05 10.00
N GLY A 1 15.22 -17.21 5.08
CA GLY A 1 14.12 -17.64 5.94
C GLY A 1 12.83 -16.97 5.51
N THR A 2 12.75 -15.66 5.73
CA THR A 2 11.65 -14.80 5.28
C THR A 2 12.14 -13.34 5.18
N GLN A 3 11.77 -12.66 4.08
CA GLN A 3 12.13 -11.24 3.88
C GLN A 3 11.19 -10.36 4.70
N GLY A 4 9.95 -10.21 4.23
CA GLY A 4 8.96 -9.31 4.83
C GLY A 4 8.40 -8.34 3.79
N GLU A 5 7.15 -7.92 3.99
CA GLU A 5 6.43 -7.03 3.06
C GLU A 5 6.68 -5.57 3.45
N ARG A 6 7.73 -4.97 2.87
CA ARG A 6 8.10 -3.57 3.13
C ARG A 6 8.15 -2.76 1.82
N CYS A 7 7.62 -1.52 1.91
CA CYS A 7 7.74 -0.51 0.86
C CYS A 7 9.23 -0.11 0.79
N ALA A 8 9.96 -0.66 -0.20
CA ALA A 8 11.43 -0.61 -0.28
C ALA A 8 11.99 0.81 -0.44
N VAL A 9 11.11 1.76 -0.81
CA VAL A 9 11.48 3.18 -0.92
C VAL A 9 11.78 3.79 0.47
N HIS A 10 10.92 3.51 1.46
CA HIS A 10 11.04 4.13 2.81
C HIS A 10 11.72 3.16 3.80
N GLY A 11 11.37 1.87 3.68
CA GLY A 11 11.80 0.83 4.63
C GLY A 11 10.70 0.44 5.64
N GLU A 12 9.50 1.06 5.52
CA GLU A 12 8.35 0.73 6.39
C GLU A 12 7.64 -0.52 5.87
N ARG A 13 6.98 -1.26 6.76
CA ARG A 13 6.15 -2.43 6.41
C ARG A 13 4.88 -1.94 5.69
N LEU A 14 4.68 -2.37 4.44
CA LEU A 14 3.54 -1.94 3.62
C LEU A 14 2.27 -2.67 4.08
N HIS A 15 1.16 -1.92 4.18
CA HIS A 15 -0.18 -2.47 4.45
C HIS A 15 -1.25 -1.50 3.88
N LEU A 16 -1.66 -1.80 2.63
CA LEU A 16 -2.81 -1.16 1.94
C LEU A 16 -3.05 -1.95 0.65
N PHE A 17 -4.29 -2.01 0.17
CA PHE A 17 -4.62 -2.66 -1.11
C PHE A 17 -5.65 -1.79 -1.86
N CYS A 18 -5.22 -1.17 -2.97
CA CYS A 18 -6.12 -0.41 -3.84
C CYS A 18 -6.80 -1.37 -4.82
N GLU A 19 -8.10 -1.16 -5.08
CA GLU A 19 -8.92 -2.07 -5.91
C GLU A 19 -8.54 -1.95 -7.40
N LYS A 20 -8.58 -0.70 -7.91
CA LYS A 20 -8.26 -0.39 -9.33
C LYS A 20 -6.80 -0.70 -9.69
N ASP A 21 -5.90 -0.49 -8.73
CA ASP A 21 -4.47 -0.69 -8.93
C ASP A 21 -4.12 -2.18 -8.74
N GLY A 22 -4.87 -2.84 -7.83
CA GLY A 22 -4.70 -4.26 -7.53
C GLY A 22 -3.32 -4.61 -6.95
N LYS A 23 -2.68 -3.61 -6.31
CA LYS A 23 -1.33 -3.73 -5.76
C LYS A 23 -1.36 -3.47 -4.25
N ALA A 24 -0.41 -4.11 -3.54
CA ALA A 24 -0.24 -3.95 -2.10
C ALA A 24 0.64 -2.71 -1.83
N LEU A 25 -0.02 -1.60 -1.47
CA LEU A 25 0.64 -0.32 -1.20
C LEU A 25 0.98 -0.22 0.31
N CYS A 26 1.55 0.92 0.71
CA CYS A 26 1.82 1.25 2.12
C CYS A 26 0.92 2.42 2.54
N TRP A 27 1.00 2.82 3.82
CA TRP A 27 0.20 3.93 4.36
C TRP A 27 0.54 5.28 3.67
N VAL A 28 1.85 5.63 3.61
CA VAL A 28 2.33 6.94 3.10
C VAL A 28 1.96 7.16 1.61
N CYS A 29 2.17 6.12 0.77
CA CYS A 29 1.88 6.19 -0.69
C CYS A 29 0.36 6.26 -0.97
N ALA A 30 -0.44 5.73 -0.04
CA ALA A 30 -1.89 5.62 -0.20
C ALA A 30 -2.60 6.92 0.20
N GLN A 31 -2.27 7.41 1.40
CA GLN A 31 -2.93 8.55 2.03
C GLN A 31 -2.38 9.88 1.50
N SER A 32 -1.27 9.83 0.74
CA SER A 32 -0.88 10.93 -0.14
C SER A 32 -1.82 10.88 -1.36
N ARG A 33 -2.89 11.68 -1.29
CA ARG A 33 -4.06 11.56 -2.17
C ARG A 33 -3.73 11.88 -3.64
N LYS A 34 -3.62 10.81 -4.44
CA LYS A 34 -3.46 10.87 -5.89
C LYS A 34 -4.61 10.06 -6.55
N HIS A 35 -4.41 9.62 -7.81
CA HIS A 35 -5.37 8.78 -8.58
C HIS A 35 -5.39 7.30 -8.06
N ARG A 36 -5.66 7.14 -6.76
CA ARG A 36 -5.72 5.85 -6.06
C ARG A 36 -6.81 5.92 -4.99
N ASP A 37 -6.93 7.11 -4.37
CA ASP A 37 -7.92 7.37 -3.30
C ASP A 37 -9.32 7.50 -3.92
N HIS A 38 -9.93 6.33 -4.17
CA HIS A 38 -11.29 6.19 -4.72
C HIS A 38 -11.92 4.93 -4.09
N ALA A 39 -11.34 3.77 -4.42
CA ALA A 39 -11.70 2.47 -3.84
C ALA A 39 -10.40 1.75 -3.42
N MET A 40 -10.28 1.50 -2.11
CA MET A 40 -9.04 1.02 -1.49
C MET A 40 -9.36 0.45 -0.09
N VAL A 41 -9.10 -0.86 0.09
CA VAL A 41 -9.26 -1.54 1.40
C VAL A 41 -7.90 -1.50 2.16
N PRO A 42 -7.91 -1.18 3.49
CA PRO A 42 -6.69 -1.26 4.32
C PRO A 42 -6.34 -2.72 4.68
N LEU A 43 -5.13 -3.16 4.28
CA LEU A 43 -4.58 -4.44 4.74
C LEU A 43 -4.23 -4.30 6.23
N GLU A 44 -4.90 -5.05 7.09
CA GLU A 44 -4.70 -4.95 8.55
C GLU A 44 -4.37 -6.35 9.09
N GLU A 45 -3.08 -6.63 9.29
CA GLU A 45 -2.59 -7.92 9.81
C GLU A 45 -1.59 -7.65 10.97
N GLY A 1 15.85 -7.42 -1.18
CA GLY A 1 14.64 -8.16 -0.85
C GLY A 1 14.13 -7.83 0.54
N THR A 2 13.15 -6.90 0.62
CA THR A 2 12.51 -6.51 1.89
C THR A 2 11.66 -7.68 2.43
N GLN A 3 12.20 -8.37 3.46
CA GLN A 3 11.62 -9.63 3.99
C GLN A 3 10.30 -9.36 4.73
N GLY A 4 9.18 -9.70 4.05
CA GLY A 4 7.82 -9.38 4.51
C GLY A 4 7.19 -8.27 3.67
N GLU A 5 5.90 -7.98 3.91
CA GLU A 5 5.17 -6.92 3.19
C GLU A 5 5.70 -5.54 3.65
N ARG A 6 6.71 -5.03 2.94
CA ARG A 6 7.34 -3.73 3.22
C ARG A 6 7.37 -2.87 1.94
N CYS A 7 7.02 -1.57 2.09
CA CYS A 7 7.10 -0.60 0.98
C CYS A 7 8.59 -0.31 0.73
N ALA A 8 9.16 -0.96 -0.31
CA ALA A 8 10.60 -0.86 -0.65
C ALA A 8 11.00 0.58 -1.05
N VAL A 9 10.02 1.30 -1.63
CA VAL A 9 10.17 2.69 -2.08
C VAL A 9 10.72 3.63 -0.98
N HIS A 10 10.25 3.43 0.27
CA HIS A 10 10.70 4.24 1.44
C HIS A 10 11.67 3.38 2.29
N GLY A 11 11.35 2.09 2.39
CA GLY A 11 12.02 1.15 3.29
C GLY A 11 11.29 1.02 4.62
N GLU A 12 9.97 1.30 4.61
CA GLU A 12 9.08 1.05 5.77
C GLU A 12 8.25 -0.20 5.50
N ARG A 13 7.40 -0.57 6.47
CA ARG A 13 6.41 -1.66 6.34
C ARG A 13 5.22 -1.19 5.45
N LEU A 14 4.37 -2.13 4.98
CA LEU A 14 3.16 -1.78 4.22
C LEU A 14 1.94 -2.58 4.75
N HIS A 15 0.82 -1.86 4.94
CA HIS A 15 -0.51 -2.45 5.17
C HIS A 15 -1.53 -1.58 4.43
N LEU A 16 -1.87 -2.00 3.21
CA LEU A 16 -2.96 -1.46 2.37
C LEU A 16 -3.08 -2.39 1.16
N PHE A 17 -4.24 -2.46 0.52
CA PHE A 17 -4.45 -3.27 -0.69
C PHE A 17 -5.25 -2.45 -1.71
N CYS A 18 -4.64 -2.12 -2.86
CA CYS A 18 -5.34 -1.39 -3.92
C CYS A 18 -6.08 -2.42 -4.79
N GLU A 19 -7.40 -2.23 -4.93
CA GLU A 19 -8.29 -3.20 -5.60
C GLU A 19 -8.08 -3.18 -7.13
N LYS A 20 -8.01 -1.96 -7.69
CA LYS A 20 -7.83 -1.77 -9.16
C LYS A 20 -6.39 -2.06 -9.61
N ASP A 21 -5.41 -1.63 -8.80
CA ASP A 21 -3.97 -1.81 -9.09
C ASP A 21 -3.54 -3.26 -8.77
N GLY A 22 -4.19 -3.84 -7.75
CA GLY A 22 -4.00 -5.24 -7.37
C GLY A 22 -2.84 -5.50 -6.42
N LYS A 23 -1.88 -4.54 -6.32
CA LYS A 23 -0.73 -4.66 -5.41
C LYS A 23 -1.05 -4.08 -4.02
N ALA A 24 -0.49 -4.74 -3.01
CA ALA A 24 -0.56 -4.31 -1.62
C ALA A 24 0.36 -3.09 -1.40
N LEU A 25 -0.25 -1.94 -1.10
CA LEU A 25 0.47 -0.66 -0.88
C LEU A 25 0.68 -0.40 0.62
N CYS A 26 1.35 0.73 0.95
CA CYS A 26 1.40 1.23 2.35
C CYS A 26 0.37 2.35 2.51
N TRP A 27 0.04 2.70 3.77
CA TRP A 27 -0.94 3.76 4.06
C TRP A 27 -0.46 5.13 3.53
N VAL A 28 0.86 5.39 3.60
CA VAL A 28 1.47 6.63 3.07
C VAL A 28 1.21 6.79 1.54
N CYS A 29 1.30 5.68 0.79
CA CYS A 29 1.03 5.67 -0.67
C CYS A 29 -0.50 5.75 -0.96
N ALA A 30 -1.33 5.39 0.05
CA ALA A 30 -2.80 5.48 -0.03
C ALA A 30 -3.26 6.95 0.11
N GLN A 31 -2.66 7.65 1.08
CA GLN A 31 -3.01 9.05 1.42
C GLN A 31 -2.09 10.06 0.71
N SER A 32 -1.20 9.55 -0.17
CA SER A 32 -0.18 10.37 -0.88
C SER A 32 -0.85 11.50 -1.69
N ARG A 33 -0.28 12.71 -1.60
CA ARG A 33 -0.80 13.91 -2.26
C ARG A 33 -0.56 13.79 -3.78
N LYS A 34 -1.52 13.16 -4.45
CA LYS A 34 -1.44 12.76 -5.86
C LYS A 34 -2.85 12.74 -6.44
N HIS A 35 -3.72 11.97 -5.75
CA HIS A 35 -5.14 11.79 -6.10
C HIS A 35 -5.88 11.17 -4.90
N ARG A 36 -7.22 11.25 -4.91
CA ARG A 36 -8.08 10.64 -3.87
C ARG A 36 -8.10 9.10 -4.03
N ASP A 37 -8.33 8.37 -2.91
CA ASP A 37 -8.47 6.90 -2.93
C ASP A 37 -9.71 6.52 -3.79
N HIS A 38 -9.48 5.66 -4.78
CA HIS A 38 -10.50 5.26 -5.76
C HIS A 38 -11.10 3.91 -5.35
N ALA A 39 -10.24 2.90 -5.29
CA ALA A 39 -10.61 1.53 -4.92
C ALA A 39 -9.45 0.91 -4.13
N MET A 40 -9.59 0.85 -2.78
CA MET A 40 -8.60 0.26 -1.88
C MET A 40 -9.26 -0.20 -0.56
N VAL A 41 -8.90 -1.41 -0.12
CA VAL A 41 -9.27 -1.97 1.20
C VAL A 41 -7.98 -2.14 2.05
N PRO A 42 -8.04 -2.03 3.42
CA PRO A 42 -6.88 -2.34 4.28
C PRO A 42 -6.52 -3.84 4.26
N LEU A 43 -5.22 -4.16 4.51
CA LEU A 43 -4.77 -5.55 4.74
C LEU A 43 -5.25 -6.02 6.12
N GLU A 44 -6.48 -6.55 6.16
CA GLU A 44 -7.12 -7.04 7.39
C GLU A 44 -7.79 -8.40 7.09
N GLU A 45 -7.00 -9.47 7.29
CA GLU A 45 -7.41 -10.85 7.00
C GLU A 45 -8.01 -11.49 8.29
N GLY A 1 14.86 -7.25 6.32
CA GLY A 1 13.80 -7.94 5.57
C GLY A 1 12.85 -8.74 6.46
N THR A 2 12.97 -8.54 7.79
CA THR A 2 12.21 -9.27 8.81
C THR A 2 10.70 -8.93 8.80
N GLN A 3 10.34 -7.79 8.18
CA GLN A 3 8.92 -7.34 8.06
C GLN A 3 8.22 -7.97 6.82
N GLY A 4 9.01 -8.43 5.83
CA GLY A 4 8.46 -9.07 4.63
C GLY A 4 8.13 -8.05 3.52
N GLU A 5 6.83 -7.91 3.19
CA GLU A 5 6.34 -6.91 2.22
C GLU A 5 6.57 -5.49 2.78
N ARG A 6 7.47 -4.74 2.13
CA ARG A 6 7.92 -3.43 2.60
C ARG A 6 7.89 -2.38 1.46
N CYS A 7 7.40 -1.16 1.78
CA CYS A 7 7.41 -0.02 0.84
C CYS A 7 8.85 0.53 0.76
N ALA A 8 9.54 0.26 -0.36
CA ALA A 8 10.99 0.58 -0.54
C ALA A 8 11.28 2.09 -0.61
N VAL A 9 10.23 2.91 -0.88
CA VAL A 9 10.35 4.38 -0.96
C VAL A 9 10.67 5.00 0.43
N HIS A 10 10.11 4.40 1.50
CA HIS A 10 10.29 4.90 2.89
C HIS A 10 11.22 3.94 3.67
N GLY A 11 11.07 2.64 3.39
CA GLY A 11 11.75 1.57 4.13
C GLY A 11 10.94 1.07 5.31
N GLU A 12 9.60 1.16 5.17
CA GLU A 12 8.62 0.65 6.17
C GLU A 12 7.98 -0.65 5.66
N ARG A 13 7.25 -1.37 6.53
CA ARG A 13 6.38 -2.49 6.11
C ARG A 13 5.13 -1.89 5.41
N LEU A 14 4.86 -2.32 4.15
CA LEU A 14 3.69 -1.84 3.39
C LEU A 14 2.41 -2.51 3.93
N HIS A 15 1.32 -1.74 4.06
CA HIS A 15 0.00 -2.27 4.45
C HIS A 15 -1.11 -1.38 3.82
N LEU A 16 -1.57 -1.82 2.64
CA LEU A 16 -2.76 -1.29 1.92
C LEU A 16 -3.00 -2.24 0.73
N PHE A 17 -4.25 -2.51 0.38
CA PHE A 17 -4.57 -3.32 -0.80
C PHE A 17 -5.57 -2.52 -1.64
N CYS A 18 -5.15 -2.11 -2.85
CA CYS A 18 -5.97 -1.30 -3.73
C CYS A 18 -6.90 -2.24 -4.52
N GLU A 19 -8.21 -1.91 -4.52
CA GLU A 19 -9.24 -2.76 -5.15
C GLU A 19 -9.21 -2.64 -6.69
N LYS A 20 -9.02 -1.41 -7.19
CA LYS A 20 -8.97 -1.15 -8.66
C LYS A 20 -7.64 -1.65 -9.26
N ASP A 21 -6.56 -1.44 -8.52
CA ASP A 21 -5.19 -1.79 -8.95
C ASP A 21 -4.92 -3.30 -8.71
N GLY A 22 -5.58 -3.85 -7.68
CA GLY A 22 -5.52 -5.28 -7.36
C GLY A 22 -4.18 -5.74 -6.79
N LYS A 23 -3.30 -4.77 -6.47
CA LYS A 23 -1.96 -5.05 -5.90
C LYS A 23 -1.86 -4.41 -4.48
N ALA A 24 -0.70 -4.57 -3.83
CA ALA A 24 -0.49 -4.18 -2.42
C ALA A 24 0.32 -2.85 -2.30
N LEU A 25 -0.37 -1.78 -1.86
CA LEU A 25 0.25 -0.48 -1.55
C LEU A 25 0.61 -0.40 -0.05
N CYS A 26 1.10 0.77 0.39
CA CYS A 26 1.18 1.10 1.83
C CYS A 26 0.19 2.23 2.11
N TRP A 27 -0.37 2.27 3.34
CA TRP A 27 -1.40 3.26 3.72
C TRP A 27 -0.89 4.72 3.60
N VAL A 28 0.42 4.91 3.76
CA VAL A 28 1.07 6.23 3.58
C VAL A 28 0.92 6.75 2.13
N CYS A 29 1.08 5.84 1.16
CA CYS A 29 0.93 6.18 -0.29
C CYS A 29 -0.57 6.32 -0.66
N ALA A 30 -1.48 5.78 0.19
CA ALA A 30 -2.93 6.02 0.07
C ALA A 30 -3.30 7.41 0.63
N GLN A 31 -2.60 7.81 1.72
CA GLN A 31 -2.80 9.13 2.36
C GLN A 31 -1.97 10.23 1.67
N SER A 32 -1.16 9.83 0.67
CA SER A 32 -0.48 10.75 -0.24
C SER A 32 -1.49 11.36 -1.22
N ARG A 33 -1.19 12.57 -1.71
CA ARG A 33 -1.99 13.22 -2.76
C ARG A 33 -1.68 12.56 -4.13
N LYS A 34 -0.44 12.00 -4.24
CA LYS A 34 0.04 11.31 -5.45
C LYS A 34 -0.83 10.11 -5.79
N HIS A 35 -1.73 10.29 -6.78
CA HIS A 35 -2.48 9.21 -7.45
C HIS A 35 -3.40 8.44 -6.47
N ARG A 36 -3.87 9.15 -5.41
CA ARG A 36 -4.76 8.58 -4.37
C ARG A 36 -6.10 8.12 -4.97
N ASP A 37 -6.42 6.84 -4.72
CA ASP A 37 -7.59 6.17 -5.31
C ASP A 37 -8.83 6.30 -4.40
N HIS A 38 -9.92 5.62 -4.80
CA HIS A 38 -11.18 5.60 -4.05
C HIS A 38 -11.38 4.18 -3.48
N ALA A 39 -11.44 3.19 -4.39
CA ALA A 39 -11.57 1.78 -4.04
C ALA A 39 -10.18 1.22 -3.66
N MET A 40 -9.86 1.33 -2.36
CA MET A 40 -8.60 0.86 -1.79
C MET A 40 -8.79 0.56 -0.27
N VAL A 41 -8.70 -0.75 0.09
CA VAL A 41 -8.97 -1.22 1.48
C VAL A 41 -7.65 -1.38 2.29
N PRO A 42 -7.61 -0.97 3.61
CA PRO A 42 -6.40 -1.14 4.47
C PRO A 42 -6.11 -2.61 4.86
N LEU A 43 -4.88 -3.07 4.53
CA LEU A 43 -4.32 -4.33 5.05
C LEU A 43 -3.97 -4.16 6.54
N GLU A 44 -4.54 -5.00 7.40
CA GLU A 44 -4.27 -4.99 8.85
C GLU A 44 -4.07 -6.43 9.35
N GLU A 45 -2.96 -7.04 8.92
CA GLU A 45 -2.58 -8.41 9.31
C GLU A 45 -1.22 -8.38 10.08
N GLY A 1 15.48 -7.31 -0.16
CA GLY A 1 14.60 -6.54 -1.04
C GLY A 1 13.58 -7.42 -1.74
N THR A 2 14.03 -8.57 -2.27
CA THR A 2 13.17 -9.54 -2.95
C THR A 2 12.20 -10.19 -1.96
N GLN A 3 12.71 -10.65 -0.80
CA GLN A 3 11.87 -11.12 0.31
C GLN A 3 11.65 -9.97 1.30
N GLY A 4 10.40 -9.51 1.37
CA GLY A 4 10.00 -8.42 2.28
C GLY A 4 8.79 -7.68 1.73
N GLU A 5 7.62 -7.91 2.35
CA GLU A 5 6.38 -7.17 2.04
C GLU A 5 6.46 -5.77 2.68
N ARG A 6 7.38 -4.96 2.13
CA ARG A 6 7.79 -3.68 2.71
C ARG A 6 7.85 -2.62 1.59
N CYS A 7 7.32 -1.40 1.89
CA CYS A 7 7.41 -0.26 0.96
C CYS A 7 8.89 0.18 0.93
N ALA A 8 9.61 -0.25 -0.13
CA ALA A 8 11.09 -0.10 -0.22
C ALA A 8 11.52 1.38 -0.36
N VAL A 9 10.58 2.22 -0.80
CA VAL A 9 10.80 3.66 -1.01
C VAL A 9 11.12 4.37 0.32
N HIS A 10 10.32 4.09 1.36
CA HIS A 10 10.53 4.67 2.71
C HIS A 10 11.38 3.70 3.57
N GLY A 11 11.28 2.39 3.24
CA GLY A 11 12.01 1.33 3.96
C GLY A 11 11.28 0.87 5.20
N GLU A 12 9.95 1.00 5.14
CA GLU A 12 9.02 0.49 6.17
C GLU A 12 8.23 -0.68 5.58
N ARG A 13 7.48 -1.41 6.43
CA ARG A 13 6.49 -2.40 5.96
C ARG A 13 5.31 -1.71 5.25
N LEU A 14 4.47 -2.51 4.58
CA LEU A 14 3.29 -1.98 3.86
C LEU A 14 2.02 -2.70 4.36
N HIS A 15 0.94 -1.93 4.57
CA HIS A 15 -0.40 -2.48 4.80
C HIS A 15 -1.44 -1.54 4.13
N LEU A 16 -1.79 -1.89 2.89
CA LEU A 16 -2.89 -1.28 2.09
C LEU A 16 -3.04 -2.14 0.82
N PHE A 17 -4.24 -2.20 0.25
CA PHE A 17 -4.48 -2.90 -1.03
C PHE A 17 -5.47 -2.09 -1.87
N CYS A 18 -5.08 -1.76 -3.10
CA CYS A 18 -5.95 -1.09 -4.06
C CYS A 18 -6.86 -2.10 -4.77
N GLU A 19 -8.18 -1.89 -4.67
CA GLU A 19 -9.18 -2.79 -5.29
C GLU A 19 -9.25 -2.60 -6.83
N LYS A 20 -8.95 -1.37 -7.25
CA LYS A 20 -9.04 -0.96 -8.67
C LYS A 20 -7.71 -1.20 -9.42
N ASP A 21 -6.59 -0.94 -8.73
CA ASP A 21 -5.23 -1.07 -9.31
C ASP A 21 -4.69 -2.49 -9.09
N GLY A 22 -5.10 -3.11 -7.96
CA GLY A 22 -4.71 -4.48 -7.63
C GLY A 22 -3.27 -4.63 -7.19
N LYS A 23 -2.80 -3.67 -6.37
CA LYS A 23 -1.43 -3.71 -5.78
C LYS A 23 -1.47 -3.40 -4.28
N ALA A 24 -0.58 -4.07 -3.54
CA ALA A 24 -0.43 -3.88 -2.09
C ALA A 24 0.49 -2.69 -1.80
N LEU A 25 -0.12 -1.54 -1.48
CA LEU A 25 0.60 -0.31 -1.10
C LEU A 25 0.81 -0.24 0.43
N CYS A 26 1.41 0.85 0.91
CA CYS A 26 1.45 1.15 2.36
C CYS A 26 0.41 2.26 2.67
N TRP A 27 0.10 2.45 3.96
CA TRP A 27 -0.88 3.45 4.42
C TRP A 27 -0.40 4.90 4.11
N VAL A 28 0.92 5.11 4.09
CA VAL A 28 1.51 6.43 3.75
C VAL A 28 1.25 6.79 2.27
N CYS A 29 1.33 5.79 1.38
CA CYS A 29 1.03 5.97 -0.07
C CYS A 29 -0.49 6.05 -0.32
N ALA A 30 -1.28 5.60 0.67
CA ALA A 30 -2.74 5.64 0.62
C ALA A 30 -3.26 7.06 0.85
N GLN A 31 -2.74 7.68 1.92
CA GLN A 31 -3.20 8.98 2.39
C GLN A 31 -2.50 10.15 1.65
N SER A 32 -1.27 9.92 1.18
CA SER A 32 -0.63 10.82 0.21
C SER A 32 -1.24 10.52 -1.17
N ARG A 33 -2.30 11.28 -1.50
CA ARG A 33 -3.20 10.98 -2.63
C ARG A 33 -2.76 11.75 -3.89
N LYS A 34 -1.70 11.25 -4.53
CA LYS A 34 -1.20 11.79 -5.80
C LYS A 34 -2.19 11.45 -6.93
N HIS A 35 -2.39 10.14 -7.17
CA HIS A 35 -3.42 9.60 -8.09
C HIS A 35 -3.63 8.09 -7.86
N ARG A 36 -4.81 7.75 -7.31
CA ARG A 36 -5.28 6.37 -7.16
C ARG A 36 -6.81 6.39 -7.06
N ASP A 37 -7.32 7.18 -6.08
CA ASP A 37 -8.74 7.57 -5.94
C ASP A 37 -9.67 6.43 -5.44
N HIS A 38 -10.11 6.55 -4.16
CA HIS A 38 -11.32 5.90 -3.61
C HIS A 38 -11.08 4.45 -3.14
N ALA A 39 -10.86 3.51 -4.08
CA ALA A 39 -10.83 2.06 -3.78
C ALA A 39 -9.51 1.64 -3.11
N MET A 40 -9.42 1.97 -1.80
CA MET A 40 -8.25 1.68 -0.94
C MET A 40 -8.75 0.94 0.32
N VAL A 41 -8.39 -0.35 0.48
CA VAL A 41 -8.79 -1.17 1.66
C VAL A 41 -7.56 -1.60 2.48
N PRO A 42 -7.68 -1.82 3.83
CA PRO A 42 -6.53 -2.20 4.69
C PRO A 42 -6.16 -3.71 4.58
N LEU A 43 -4.84 -4.01 4.54
CA LEU A 43 -4.32 -5.39 4.60
C LEU A 43 -4.49 -5.91 6.05
N GLU A 44 -5.58 -6.66 6.26
CA GLU A 44 -5.98 -7.15 7.59
C GLU A 44 -6.42 -8.63 7.46
N GLU A 45 -5.60 -9.40 6.73
CA GLU A 45 -5.78 -10.84 6.53
C GLU A 45 -5.12 -11.59 7.71
N GLY A 1 12.17 -16.29 -1.12
CA GLY A 1 11.80 -16.86 0.19
C GLY A 1 11.79 -15.83 1.32
N THR A 2 12.55 -14.74 1.13
CA THR A 2 12.50 -13.57 2.01
C THR A 2 11.17 -12.82 1.77
N GLN A 3 10.20 -13.02 2.70
CA GLN A 3 8.86 -12.39 2.65
C GLN A 3 8.99 -10.85 2.68
N GLY A 4 8.41 -10.21 1.66
CA GLY A 4 8.48 -8.76 1.50
C GLY A 4 7.59 -8.03 2.51
N GLU A 5 6.37 -7.66 2.07
CA GLU A 5 5.37 -6.89 2.87
C GLU A 5 5.93 -5.53 3.35
N ARG A 6 6.97 -5.04 2.65
CA ARG A 6 7.64 -3.76 2.98
C ARG A 6 7.68 -2.87 1.73
N CYS A 7 7.23 -1.61 1.89
CA CYS A 7 7.29 -0.59 0.85
C CYS A 7 8.77 -0.23 0.66
N ALA A 8 9.38 -0.79 -0.40
CA ALA A 8 10.84 -0.65 -0.70
C ALA A 8 11.25 0.82 -0.95
N VAL A 9 10.24 1.65 -1.29
CA VAL A 9 10.41 3.08 -1.56
C VAL A 9 10.93 3.84 -0.31
N HIS A 10 10.43 3.47 0.89
CA HIS A 10 10.82 4.15 2.15
C HIS A 10 11.73 3.24 2.99
N GLY A 11 11.40 1.94 2.99
CA GLY A 11 12.04 0.96 3.87
C GLY A 11 11.25 0.82 5.17
N GLU A 12 9.94 0.57 5.03
CA GLU A 12 9.01 0.33 6.16
C GLU A 12 7.94 -0.67 5.71
N ARG A 13 7.25 -1.30 6.68
CA ARG A 13 6.21 -2.30 6.40
C ARG A 13 4.93 -1.64 5.87
N LEU A 14 4.30 -2.29 4.88
CA LEU A 14 3.10 -1.79 4.20
C LEU A 14 1.85 -2.57 4.66
N HIS A 15 0.73 -1.86 4.90
CA HIS A 15 -0.61 -2.47 5.03
C HIS A 15 -1.65 -1.56 4.36
N LEU A 16 -1.91 -1.85 3.08
CA LEU A 16 -3.00 -1.26 2.28
C LEU A 16 -3.03 -2.05 0.95
N PHE A 17 -4.18 -2.08 0.28
CA PHE A 17 -4.32 -2.64 -1.07
C PHE A 17 -5.49 -1.92 -1.74
N CYS A 18 -5.23 -1.28 -2.87
CA CYS A 18 -6.27 -0.63 -3.66
C CYS A 18 -6.72 -1.59 -4.77
N GLU A 19 -8.04 -1.78 -4.90
CA GLU A 19 -8.63 -2.74 -5.86
C GLU A 19 -8.38 -2.30 -7.32
N LYS A 20 -8.64 -1.01 -7.62
CA LYS A 20 -8.49 -0.48 -9.00
C LYS A 20 -7.00 -0.26 -9.37
N ASP A 21 -6.20 0.16 -8.37
CA ASP A 21 -4.73 0.36 -8.53
C ASP A 21 -4.06 -1.02 -8.67
N GLY A 22 -4.64 -2.01 -7.97
CA GLY A 22 -4.19 -3.39 -8.01
C GLY A 22 -2.79 -3.61 -7.47
N LYS A 23 -2.38 -2.79 -6.50
CA LYS A 23 -1.07 -2.90 -5.83
C LYS A 23 -1.27 -2.86 -4.32
N ALA A 24 -0.37 -3.56 -3.60
CA ALA A 24 -0.32 -3.54 -2.14
C ALA A 24 0.44 -2.29 -1.69
N LEU A 25 -0.33 -1.27 -1.28
CA LEU A 25 0.21 0.04 -0.87
C LEU A 25 0.54 0.02 0.64
N CYS A 26 1.11 1.13 1.11
CA CYS A 26 1.36 1.36 2.55
C CYS A 26 0.51 2.54 2.99
N TRP A 27 0.48 2.83 4.31
CA TRP A 27 -0.23 3.99 4.85
C TRP A 27 0.30 5.32 4.25
N VAL A 28 1.64 5.41 4.09
CA VAL A 28 2.32 6.62 3.55
C VAL A 28 1.87 6.92 2.10
N CYS A 29 1.77 5.88 1.26
CA CYS A 29 1.32 6.02 -0.14
C CYS A 29 -0.21 6.15 -0.24
N ALA A 30 -0.93 5.75 0.84
CA ALA A 30 -2.39 5.88 0.93
C ALA A 30 -2.80 7.32 1.25
N GLN A 31 -2.07 7.95 2.20
CA GLN A 31 -2.31 9.34 2.61
C GLN A 31 -1.72 10.33 1.58
N SER A 32 -0.83 9.81 0.71
CA SER A 32 -0.29 10.57 -0.43
C SER A 32 -1.43 10.79 -1.44
N ARG A 33 -2.07 11.97 -1.34
CA ARG A 33 -3.24 12.35 -2.15
C ARG A 33 -2.82 12.63 -3.60
N LYS A 34 -2.81 11.57 -4.44
CA LYS A 34 -2.28 11.63 -5.82
C LYS A 34 -3.35 11.25 -6.85
N HIS A 35 -3.53 9.94 -7.03
CA HIS A 35 -4.29 9.34 -8.16
C HIS A 35 -4.56 7.87 -7.86
N ARG A 36 -5.57 7.30 -8.58
CA ARG A 36 -5.96 5.87 -8.49
C ARG A 36 -6.54 5.54 -7.08
N ASP A 37 -7.08 6.58 -6.41
CA ASP A 37 -7.59 6.49 -5.02
C ASP A 37 -9.08 6.08 -5.03
N HIS A 38 -9.36 4.76 -5.03
CA HIS A 38 -10.73 4.21 -4.89
C HIS A 38 -10.69 2.72 -4.53
N ALA A 39 -11.64 2.31 -3.66
CA ALA A 39 -11.76 0.94 -3.15
C ALA A 39 -10.42 0.48 -2.51
N MET A 40 -9.98 1.24 -1.51
CA MET A 40 -8.69 1.00 -0.83
C MET A 40 -8.97 0.31 0.51
N VAL A 41 -8.64 -0.99 0.57
CA VAL A 41 -8.89 -1.85 1.75
C VAL A 41 -7.56 -2.11 2.50
N PRO A 42 -7.57 -2.31 3.86
CA PRO A 42 -6.37 -2.72 4.61
C PRO A 42 -6.03 -4.21 4.34
N LEU A 43 -4.73 -4.57 4.44
CA LEU A 43 -4.26 -5.96 4.25
C LEU A 43 -4.53 -6.79 5.51
N GLU A 44 -5.76 -7.30 5.57
CA GLU A 44 -6.22 -8.24 6.59
C GLU A 44 -7.06 -9.32 5.88
N GLU A 45 -6.39 -10.43 5.50
CA GLU A 45 -6.97 -11.52 4.68
C GLU A 45 -7.72 -12.51 5.59
N GLY A 1 14.80 -8.79 -5.67
CA GLY A 1 15.25 -10.00 -4.99
C GLY A 1 14.88 -9.99 -3.51
N THR A 2 15.09 -8.83 -2.86
CA THR A 2 14.77 -8.65 -1.44
C THR A 2 13.25 -8.42 -1.27
N GLN A 3 12.50 -9.53 -1.28
CA GLN A 3 11.01 -9.53 -1.23
C GLN A 3 10.53 -9.45 0.23
N GLY A 4 9.30 -8.94 0.40
CA GLY A 4 8.67 -8.84 1.72
C GLY A 4 7.41 -7.99 1.68
N GLU A 5 6.81 -7.81 2.86
CA GLU A 5 5.57 -7.01 3.07
C GLU A 5 5.91 -5.58 3.52
N ARG A 6 7.05 -5.07 3.04
CA ARG A 6 7.57 -3.74 3.43
C ARG A 6 7.78 -2.85 2.19
N CYS A 7 7.40 -1.57 2.32
CA CYS A 7 7.62 -0.54 1.29
C CYS A 7 9.15 -0.24 1.23
N ALA A 8 9.81 -0.79 0.19
CA ALA A 8 11.28 -0.72 0.03
C ALA A 8 11.80 0.70 -0.31
N VAL A 9 10.86 1.62 -0.57
CA VAL A 9 11.17 3.03 -0.87
C VAL A 9 11.56 3.79 0.42
N HIS A 10 10.87 3.50 1.54
CA HIS A 10 11.09 4.22 2.82
C HIS A 10 11.85 3.32 3.81
N GLY A 11 11.52 2.01 3.77
CA GLY A 11 12.04 1.02 4.74
C GLY A 11 11.08 0.77 5.89
N GLU A 12 9.79 0.88 5.59
CA GLU A 12 8.68 0.66 6.55
C GLU A 12 7.82 -0.51 6.05
N ARG A 13 6.94 -1.03 6.92
CA ARG A 13 5.93 -2.04 6.55
C ARG A 13 4.83 -1.38 5.68
N LEU A 14 4.30 -2.12 4.69
CA LEU A 14 3.20 -1.64 3.84
C LEU A 14 1.90 -2.35 4.24
N HIS A 15 0.78 -1.59 4.33
CA HIS A 15 -0.58 -2.15 4.43
C HIS A 15 -1.56 -1.22 3.66
N LEU A 16 -1.81 -1.60 2.40
CA LEU A 16 -2.85 -1.00 1.54
C LEU A 16 -2.93 -1.90 0.29
N PHE A 17 -4.13 -2.04 -0.29
CA PHE A 17 -4.34 -2.80 -1.53
C PHE A 17 -5.34 -2.06 -2.42
N CYS A 18 -4.85 -1.55 -3.57
CA CYS A 18 -5.66 -0.95 -4.60
C CYS A 18 -6.58 -2.00 -5.25
N GLU A 19 -7.90 -1.85 -5.09
CA GLU A 19 -8.91 -2.75 -5.71
C GLU A 19 -8.96 -2.56 -7.23
N LYS A 20 -8.65 -1.34 -7.69
CA LYS A 20 -8.62 -0.99 -9.12
C LYS A 20 -7.28 -1.37 -9.77
N ASP A 21 -6.16 -0.98 -9.12
CA ASP A 21 -4.80 -1.08 -9.70
C ASP A 21 -4.15 -2.44 -9.38
N GLY A 22 -4.71 -3.15 -8.38
CA GLY A 22 -4.30 -4.50 -8.02
C GLY A 22 -2.89 -4.59 -7.43
N LYS A 23 -2.49 -3.56 -6.68
CA LYS A 23 -1.13 -3.43 -6.12
C LYS A 23 -1.18 -3.14 -4.61
N ALA A 24 -0.16 -3.61 -3.90
CA ALA A 24 -0.05 -3.45 -2.44
C ALA A 24 0.82 -2.22 -2.10
N LEU A 25 0.15 -1.13 -1.70
CA LEU A 25 0.81 0.12 -1.28
C LEU A 25 1.00 0.15 0.25
N CYS A 26 1.58 1.26 0.76
CA CYS A 26 1.66 1.54 2.21
C CYS A 26 0.77 2.74 2.51
N TRP A 27 0.61 3.08 3.82
CA TRP A 27 -0.18 4.24 4.27
C TRP A 27 0.37 5.57 3.67
N VAL A 28 1.71 5.69 3.67
CA VAL A 28 2.42 6.88 3.13
C VAL A 28 2.17 7.05 1.60
N CYS A 29 2.19 5.93 0.85
CA CYS A 29 1.93 5.94 -0.62
C CYS A 29 0.41 6.04 -0.90
N ALA A 30 -0.42 5.80 0.12
CA ALA A 30 -1.89 5.90 0.01
C ALA A 30 -2.34 7.38 0.12
N GLN A 31 -1.83 8.05 1.16
CA GLN A 31 -2.23 9.44 1.53
C GLN A 31 -1.64 10.49 0.57
N SER A 32 -0.61 10.10 -0.19
CA SER A 32 0.07 10.99 -1.16
C SER A 32 -0.82 11.27 -2.40
N ARG A 33 -0.24 11.92 -3.44
CA ARG A 33 -0.96 12.28 -4.68
C ARG A 33 -1.33 11.03 -5.50
N LYS A 34 -2.41 10.37 -5.07
CA LYS A 34 -2.92 9.10 -5.62
C LYS A 34 -4.45 9.14 -5.66
N HIS A 35 -5.06 8.03 -6.11
CA HIS A 35 -6.53 7.83 -6.14
C HIS A 35 -7.09 7.76 -4.68
N ARG A 36 -7.25 8.95 -4.07
CA ARG A 36 -7.60 9.09 -2.64
C ARG A 36 -9.00 8.53 -2.33
N ASP A 37 -9.01 7.32 -1.72
CA ASP A 37 -10.22 6.59 -1.29
C ASP A 37 -11.07 6.14 -2.49
N HIS A 38 -10.41 5.98 -3.66
CA HIS A 38 -11.04 5.49 -4.90
C HIS A 38 -10.56 4.06 -5.18
N ALA A 39 -11.38 3.08 -4.76
CA ALA A 39 -11.13 1.64 -4.97
C ALA A 39 -9.79 1.19 -4.35
N MET A 40 -9.74 1.21 -3.01
CA MET A 40 -8.53 0.89 -2.23
C MET A 40 -8.95 0.47 -0.80
N VAL A 41 -8.66 -0.80 -0.45
CA VAL A 41 -8.94 -1.37 0.88
C VAL A 41 -7.64 -1.47 1.72
N PRO A 42 -7.71 -1.36 3.08
CA PRO A 42 -6.52 -1.55 3.95
C PRO A 42 -6.22 -3.06 4.19
N LEU A 43 -4.92 -3.42 4.17
CA LEU A 43 -4.49 -4.82 4.42
C LEU A 43 -4.57 -5.15 5.92
N GLU A 44 -5.59 -5.94 6.28
CA GLU A 44 -5.86 -6.37 7.65
C GLU A 44 -6.10 -7.89 7.67
N GLU A 45 -5.00 -8.64 7.52
CA GLU A 45 -5.00 -10.11 7.52
C GLU A 45 -5.41 -10.66 8.91
N GLY A 1 5.84 -18.12 3.33
CA GLY A 1 6.85 -17.35 2.61
C GLY A 1 7.57 -16.37 3.53
N THR A 2 8.88 -16.21 3.29
CA THR A 2 9.74 -15.25 4.03
C THR A 2 9.77 -13.86 3.33
N GLN A 3 8.90 -13.69 2.31
CA GLN A 3 8.76 -12.43 1.56
C GLN A 3 8.25 -11.30 2.48
N GLY A 4 9.19 -10.50 3.01
CA GLY A 4 8.88 -9.36 3.88
C GLY A 4 8.20 -8.24 3.12
N GLU A 5 6.86 -8.17 3.22
CA GLU A 5 6.04 -7.13 2.56
C GLU A 5 6.35 -5.75 3.15
N ARG A 6 7.28 -5.05 2.49
CA ARG A 6 7.80 -3.74 2.92
C ARG A 6 7.78 -2.76 1.74
N CYS A 7 7.31 -1.53 1.99
CA CYS A 7 7.39 -0.43 1.02
C CYS A 7 8.88 -0.03 0.89
N ALA A 8 9.54 -0.48 -0.19
CA ALA A 8 11.00 -0.34 -0.39
C ALA A 8 11.42 1.13 -0.69
N VAL A 9 10.43 2.01 -0.90
CA VAL A 9 10.65 3.46 -1.09
C VAL A 9 11.19 4.09 0.21
N HIS A 10 10.48 3.82 1.33
CA HIS A 10 10.78 4.41 2.65
C HIS A 10 11.67 3.43 3.46
N GLY A 11 11.39 2.13 3.28
CA GLY A 11 12.05 1.05 4.03
C GLY A 11 11.25 0.69 5.27
N GLU A 12 9.92 0.60 5.12
CA GLU A 12 8.97 0.29 6.20
C GLU A 12 8.08 -0.90 5.78
N ARG A 13 7.53 -1.61 6.77
CA ARG A 13 6.53 -2.67 6.55
C ARG A 13 5.21 -2.06 6.02
N LEU A 14 4.69 -2.60 4.91
CA LEU A 14 3.45 -2.10 4.26
C LEU A 14 2.24 -2.95 4.70
N HIS A 15 1.09 -2.28 4.87
CA HIS A 15 -0.23 -2.94 4.96
C HIS A 15 -1.29 -2.00 4.36
N LEU A 16 -1.60 -2.23 3.08
CA LEU A 16 -2.74 -1.61 2.35
C LEU A 16 -2.85 -2.37 1.01
N PHE A 17 -4.04 -2.44 0.42
CA PHE A 17 -4.23 -3.06 -0.91
C PHE A 17 -5.17 -2.17 -1.72
N CYS A 18 -4.67 -1.60 -2.82
CA CYS A 18 -5.47 -0.77 -3.71
C CYS A 18 -6.35 -1.64 -4.61
N GLU A 19 -7.63 -1.29 -4.76
CA GLU A 19 -8.56 -2.01 -5.65
C GLU A 19 -8.32 -1.66 -7.12
N LYS A 20 -8.06 -0.36 -7.40
CA LYS A 20 -7.83 0.14 -8.77
C LYS A 20 -6.42 -0.28 -9.29
N ASP A 21 -5.42 -0.16 -8.38
CA ASP A 21 -4.00 -0.49 -8.68
C ASP A 21 -3.76 -2.00 -8.57
N GLY A 22 -4.59 -2.70 -7.76
CA GLY A 22 -4.51 -4.15 -7.60
C GLY A 22 -3.21 -4.64 -6.95
N LYS A 23 -2.57 -3.76 -6.16
CA LYS A 23 -1.24 -4.03 -5.57
C LYS A 23 -1.24 -3.66 -4.07
N ALA A 24 -0.35 -4.33 -3.32
CA ALA A 24 -0.16 -4.10 -1.88
C ALA A 24 0.67 -2.82 -1.65
N LEU A 25 -0.02 -1.74 -1.24
CA LEU A 25 0.59 -0.45 -0.90
C LEU A 25 0.84 -0.34 0.61
N CYS A 26 1.36 0.81 1.05
CA CYS A 26 1.46 1.18 2.47
C CYS A 26 0.50 2.34 2.75
N TRP A 27 0.18 2.58 4.05
CA TRP A 27 -0.69 3.72 4.48
C TRP A 27 -0.17 5.08 3.94
N VAL A 28 1.16 5.27 3.96
CA VAL A 28 1.82 6.52 3.50
C VAL A 28 1.51 6.80 2.00
N CYS A 29 1.60 5.76 1.16
CA CYS A 29 1.28 5.87 -0.29
C CYS A 29 -0.24 5.84 -0.54
N ALA A 30 -1.01 5.32 0.43
CA ALA A 30 -2.48 5.19 0.33
C ALA A 30 -3.16 6.57 0.40
N GLN A 31 -2.82 7.30 1.48
CA GLN A 31 -3.36 8.64 1.74
C GLN A 31 -2.71 9.71 0.83
N SER A 32 -1.59 9.34 0.18
CA SER A 32 -0.90 10.18 -0.82
C SER A 32 -1.81 10.32 -2.06
N ARG A 33 -2.34 11.54 -2.28
CA ARG A 33 -3.29 11.84 -3.37
C ARG A 33 -2.54 11.89 -4.72
N LYS A 34 -2.37 10.70 -5.30
CA LYS A 34 -1.71 10.50 -6.60
C LYS A 34 -2.73 10.70 -7.73
N HIS A 35 -3.87 10.02 -7.56
CA HIS A 35 -5.00 10.00 -8.50
C HIS A 35 -6.29 10.21 -7.69
N ARG A 36 -7.45 9.81 -8.25
CA ARG A 36 -8.72 9.74 -7.52
C ARG A 36 -8.70 8.47 -6.61
N ASP A 37 -7.82 8.49 -5.59
CA ASP A 37 -7.59 7.36 -4.68
C ASP A 37 -8.76 7.25 -3.67
N HIS A 38 -9.44 6.11 -3.69
CA HIS A 38 -10.67 5.88 -2.92
C HIS A 38 -10.92 4.38 -2.78
N ALA A 39 -10.88 3.68 -3.92
CA ALA A 39 -10.99 2.22 -4.00
C ALA A 39 -9.73 1.55 -3.44
N MET A 40 -9.77 1.21 -2.15
CA MET A 40 -8.69 0.51 -1.43
C MET A 40 -9.27 -0.16 -0.17
N VAL A 41 -8.64 -1.27 0.23
CA VAL A 41 -8.98 -2.01 1.47
C VAL A 41 -7.71 -2.17 2.34
N PRO A 42 -7.81 -2.09 3.70
CA PRO A 42 -6.64 -2.30 4.60
C PRO A 42 -6.24 -3.80 4.69
N LEU A 43 -4.97 -4.11 4.40
CA LEU A 43 -4.43 -5.46 4.61
C LEU A 43 -4.27 -5.72 6.10
N GLU A 44 -5.26 -6.39 6.69
CA GLU A 44 -5.22 -6.84 8.09
C GLU A 44 -5.45 -8.35 8.11
N GLU A 45 -4.70 -9.06 8.96
CA GLU A 45 -4.75 -10.52 9.07
C GLU A 45 -5.49 -10.90 10.37
N GLY A 1 18.09 -6.88 -2.21
CA GLY A 1 17.06 -7.67 -1.57
C GLY A 1 15.67 -7.43 -2.17
N THR A 2 15.05 -6.30 -1.78
CA THR A 2 13.70 -5.85 -2.24
C THR A 2 12.67 -7.00 -2.12
N GLN A 3 12.28 -7.31 -0.88
CA GLN A 3 11.47 -8.50 -0.58
C GLN A 3 10.73 -8.36 0.77
N GLY A 4 10.00 -9.42 1.15
CA GLY A 4 9.23 -9.46 2.40
C GLY A 4 7.89 -8.76 2.24
N GLU A 5 7.56 -7.86 3.19
CA GLU A 5 6.28 -7.10 3.23
C GLU A 5 6.54 -5.66 3.72
N ARG A 6 7.63 -5.07 3.20
CA ARG A 6 7.99 -3.66 3.43
C ARG A 6 8.06 -2.92 2.08
N CYS A 7 7.52 -1.70 2.07
CA CYS A 7 7.60 -0.77 0.94
C CYS A 7 9.06 -0.32 0.80
N ALA A 8 9.79 -0.90 -0.17
CA ALA A 8 11.26 -0.75 -0.32
C ALA A 8 11.72 0.70 -0.55
N VAL A 9 10.81 1.58 -1.01
CA VAL A 9 11.10 3.00 -1.30
C VAL A 9 11.43 3.77 -0.02
N HIS A 10 10.59 3.60 1.03
CA HIS A 10 10.73 4.32 2.30
C HIS A 10 11.56 3.46 3.28
N GLY A 11 11.30 2.14 3.24
CA GLY A 11 11.92 1.17 4.15
C GLY A 11 11.08 0.97 5.41
N GLU A 12 9.74 0.98 5.25
CA GLU A 12 8.77 0.72 6.33
C GLU A 12 7.78 -0.37 5.91
N ARG A 13 7.04 -0.90 6.88
CA ARG A 13 6.14 -2.05 6.69
C ARG A 13 4.90 -1.65 5.87
N LEU A 14 4.63 -2.37 4.75
CA LEU A 14 3.46 -2.11 3.90
C LEU A 14 2.24 -2.92 4.40
N HIS A 15 1.09 -2.26 4.55
CA HIS A 15 -0.23 -2.90 4.70
C HIS A 15 -1.31 -1.98 4.11
N LEU A 16 -1.67 -2.27 2.86
CA LEU A 16 -2.76 -1.60 2.11
C LEU A 16 -2.97 -2.45 0.84
N PHE A 17 -4.20 -2.48 0.32
CA PHE A 17 -4.52 -3.24 -0.90
C PHE A 17 -5.48 -2.41 -1.76
N CYS A 18 -5.05 -2.06 -2.98
CA CYS A 18 -5.92 -1.41 -3.96
C CYS A 18 -6.69 -2.51 -4.69
N GLU A 19 -8.04 -2.42 -4.67
CA GLU A 19 -8.94 -3.50 -5.12
C GLU A 19 -8.78 -3.82 -6.62
N LYS A 20 -8.76 -2.77 -7.46
CA LYS A 20 -8.67 -2.93 -8.93
C LYS A 20 -7.21 -3.02 -9.42
N ASP A 21 -6.28 -2.37 -8.69
CA ASP A 21 -4.83 -2.40 -9.02
C ASP A 21 -4.22 -3.78 -8.67
N GLY A 22 -4.77 -4.39 -7.61
CA GLY A 22 -4.43 -5.75 -7.22
C GLY A 22 -3.02 -5.93 -6.66
N LYS A 23 -2.37 -4.84 -6.23
CA LYS A 23 -1.06 -4.89 -5.55
C LYS A 23 -1.20 -4.48 -4.09
N ALA A 24 -0.29 -5.00 -3.26
CA ALA A 24 -0.21 -4.71 -1.82
C ALA A 24 0.67 -3.48 -1.62
N LEU A 25 0.02 -2.33 -1.41
CA LEU A 25 0.67 -1.04 -1.20
C LEU A 25 0.90 -0.81 0.31
N CYS A 26 1.44 0.37 0.66
CA CYS A 26 1.55 0.79 2.07
C CYS A 26 0.59 1.97 2.30
N TRP A 27 0.23 2.20 3.57
CA TRP A 27 -0.65 3.31 3.98
C TRP A 27 -0.02 4.68 3.61
N VAL A 28 1.33 4.78 3.66
CA VAL A 28 2.08 6.01 3.28
C VAL A 28 1.80 6.41 1.81
N CYS A 29 1.78 5.41 0.92
CA CYS A 29 1.47 5.63 -0.52
C CYS A 29 -0.03 5.93 -0.72
N ALA A 30 -0.88 5.37 0.16
CA ALA A 30 -2.35 5.57 0.12
C ALA A 30 -2.71 7.03 0.48
N GLN A 31 -2.13 7.53 1.58
CA GLN A 31 -2.43 8.86 2.14
C GLN A 31 -1.72 9.99 1.34
N SER A 32 -0.81 9.60 0.42
CA SER A 32 -0.13 10.52 -0.50
C SER A 32 -1.18 11.29 -1.32
N ARG A 33 -0.97 12.63 -1.42
CA ARG A 33 -1.92 13.56 -2.04
C ARG A 33 -2.10 13.27 -3.54
N LYS A 34 -3.32 12.87 -3.91
CA LYS A 34 -3.68 12.44 -5.27
C LYS A 34 -4.58 13.44 -5.99
N HIS A 35 -4.68 13.22 -7.30
CA HIS A 35 -5.68 13.85 -8.20
C HIS A 35 -7.11 13.41 -7.80
N ARG A 36 -7.23 12.14 -7.37
CA ARG A 36 -8.52 11.52 -7.03
C ARG A 36 -8.30 10.37 -6.03
N ASP A 37 -9.24 10.22 -5.07
CA ASP A 37 -9.30 9.04 -4.17
C ASP A 37 -9.72 7.80 -4.97
N HIS A 38 -9.11 6.65 -4.66
CA HIS A 38 -9.33 5.39 -5.40
C HIS A 38 -9.73 4.25 -4.46
N ALA A 39 -10.31 3.19 -5.04
CA ALA A 39 -10.83 2.03 -4.30
C ALA A 39 -9.68 1.20 -3.74
N MET A 40 -9.40 1.42 -2.44
CA MET A 40 -8.36 0.71 -1.70
C MET A 40 -8.82 0.43 -0.25
N VAL A 41 -8.63 -0.82 0.19
CA VAL A 41 -8.95 -1.30 1.56
C VAL A 41 -7.63 -1.64 2.30
N PRO A 42 -7.54 -1.39 3.65
CA PRO A 42 -6.33 -1.74 4.45
C PRO A 42 -6.18 -3.27 4.65
N LEU A 43 -4.93 -3.75 4.71
CA LEU A 43 -4.62 -5.17 4.95
C LEU A 43 -4.77 -5.49 6.44
N GLU A 44 -5.97 -5.94 6.82
CA GLU A 44 -6.32 -6.34 8.19
C GLU A 44 -6.37 -7.88 8.27
N GLU A 45 -5.39 -8.52 7.60
CA GLU A 45 -5.32 -9.99 7.45
C GLU A 45 -4.64 -10.65 8.68
N GLY A 1 13.83 -10.30 -1.31
CA GLY A 1 12.95 -9.86 -0.22
C GLY A 1 12.06 -11.00 0.27
N THR A 2 12.56 -11.75 1.27
CA THR A 2 11.81 -12.84 1.91
C THR A 2 10.59 -12.26 2.66
N GLN A 3 9.41 -12.45 2.07
CA GLN A 3 8.14 -11.82 2.49
C GLN A 3 8.30 -10.28 2.43
N GLY A 4 8.25 -9.75 1.19
CA GLY A 4 8.38 -8.31 0.93
C GLY A 4 7.11 -7.53 1.25
N GLU A 5 6.77 -7.51 2.55
CA GLU A 5 5.61 -6.78 3.09
C GLU A 5 6.05 -5.38 3.55
N ARG A 6 7.09 -4.84 2.89
CA ARG A 6 7.68 -3.55 3.22
C ARG A 6 7.78 -2.68 1.96
N CYS A 7 7.24 -1.45 2.05
CA CYS A 7 7.29 -0.45 0.98
C CYS A 7 8.76 0.01 0.80
N ALA A 8 9.42 -0.49 -0.25
CA ALA A 8 10.89 -0.34 -0.45
C ALA A 8 11.38 1.12 -0.48
N VAL A 9 10.48 2.05 -0.81
CA VAL A 9 10.78 3.50 -0.88
C VAL A 9 11.25 4.05 0.48
N HIS A 10 10.55 3.64 1.54
CA HIS A 10 10.75 4.18 2.91
C HIS A 10 11.48 3.11 3.75
N GLY A 11 11.10 1.85 3.52
CA GLY A 11 11.53 0.71 4.34
C GLY A 11 10.44 0.30 5.34
N GLU A 12 9.36 1.11 5.41
CA GLU A 12 8.21 0.88 6.32
C GLU A 12 7.44 -0.38 5.89
N ARG A 13 6.59 -0.91 6.77
CA ARG A 13 5.64 -1.97 6.41
C ARG A 13 4.54 -1.41 5.52
N LEU A 14 4.25 -2.12 4.43
CA LEU A 14 3.18 -1.73 3.49
C LEU A 14 1.91 -2.46 3.91
N HIS A 15 0.80 -1.72 4.03
CA HIS A 15 -0.53 -2.31 4.25
C HIS A 15 -1.59 -1.42 3.59
N LEU A 16 -1.95 -1.79 2.36
CA LEU A 16 -3.03 -1.18 1.59
C LEU A 16 -3.23 -2.06 0.34
N PHE A 17 -4.43 -2.62 0.13
CA PHE A 17 -4.74 -3.34 -1.11
C PHE A 17 -5.47 -2.38 -2.07
N CYS A 18 -4.79 -2.03 -3.16
CA CYS A 18 -5.35 -1.17 -4.20
C CYS A 18 -6.08 -2.08 -5.19
N GLU A 19 -7.42 -2.03 -5.19
CA GLU A 19 -8.26 -2.94 -6.01
C GLU A 19 -8.23 -2.58 -7.51
N LYS A 20 -7.83 -1.34 -7.84
CA LYS A 20 -7.70 -0.85 -9.24
C LYS A 20 -6.32 -1.23 -9.82
N ASP A 21 -5.28 -1.17 -8.96
CA ASP A 21 -3.89 -1.47 -9.35
C ASP A 21 -3.61 -2.98 -9.20
N GLY A 22 -4.37 -3.60 -8.28
CA GLY A 22 -4.25 -5.03 -7.97
C GLY A 22 -2.96 -5.41 -7.26
N LYS A 23 -2.27 -4.40 -6.70
CA LYS A 23 -0.98 -4.57 -6.00
C LYS A 23 -1.10 -4.05 -4.55
N ALA A 24 -0.06 -4.35 -3.77
CA ALA A 24 0.00 -4.05 -2.34
C ALA A 24 0.84 -2.78 -2.06
N LEU A 25 0.15 -1.70 -1.68
CA LEU A 25 0.74 -0.39 -1.33
C LEU A 25 0.84 -0.21 0.19
N CYS A 26 1.32 0.99 0.60
CA CYS A 26 1.29 1.45 2.01
C CYS A 26 0.33 2.64 2.12
N TRP A 27 -0.11 2.94 3.36
CA TRP A 27 -1.04 4.06 3.66
C TRP A 27 -0.50 5.41 3.13
N VAL A 28 0.80 5.65 3.35
CA VAL A 28 1.48 6.91 2.99
C VAL A 28 1.41 7.17 1.46
N CYS A 29 1.60 6.11 0.65
CA CYS A 29 1.53 6.22 -0.84
C CYS A 29 0.07 6.34 -1.34
N ALA A 30 -0.88 5.81 -0.55
CA ALA A 30 -2.32 5.86 -0.88
C ALA A 30 -2.90 7.28 -0.64
N GLN A 31 -2.38 7.95 0.41
CA GLN A 31 -2.81 9.30 0.81
C GLN A 31 -1.91 10.40 0.21
N SER A 32 -0.85 9.97 -0.52
CA SER A 32 0.14 10.88 -1.14
C SER A 32 -0.51 11.71 -2.29
N ARG A 33 0.35 12.50 -2.99
CA ARG A 33 -0.08 13.40 -4.09
C ARG A 33 -0.61 12.61 -5.31
N LYS A 34 -0.53 11.26 -5.24
CA LYS A 34 -1.07 10.33 -6.24
C LYS A 34 -2.57 10.57 -6.50
N HIS A 35 -3.40 10.22 -5.49
CA HIS A 35 -4.87 10.14 -5.61
C HIS A 35 -5.49 9.88 -4.22
N ARG A 36 -6.83 9.75 -4.17
CA ARG A 36 -7.57 9.31 -2.98
C ARG A 36 -7.92 7.82 -3.09
N ASP A 37 -7.99 7.14 -1.94
CA ASP A 37 -8.48 5.76 -1.85
C ASP A 37 -10.03 5.76 -1.80
N HIS A 38 -10.67 5.33 -2.90
CA HIS A 38 -12.14 5.18 -2.98
C HIS A 38 -12.52 3.72 -2.68
N ALA A 39 -12.06 2.81 -3.54
CA ALA A 39 -12.23 1.36 -3.34
C ALA A 39 -10.86 0.71 -3.15
N MET A 40 -10.15 1.17 -2.12
CA MET A 40 -8.81 0.67 -1.74
C MET A 40 -8.87 0.35 -0.26
N VAL A 41 -8.89 -0.95 0.05
CA VAL A 41 -9.07 -1.47 1.42
C VAL A 41 -7.70 -1.66 2.11
N PRO A 42 -7.61 -1.76 3.48
CA PRO A 42 -6.34 -2.06 4.17
C PRO A 42 -5.92 -3.55 4.05
N LEU A 43 -4.67 -3.88 4.42
CA LEU A 43 -4.11 -5.24 4.33
C LEU A 43 -3.84 -5.84 5.71
N GLU A 44 -4.60 -6.89 6.03
CA GLU A 44 -4.37 -7.75 7.20
C GLU A 44 -4.66 -9.21 6.77
N GLU A 45 -3.93 -9.64 5.73
CA GLU A 45 -4.06 -10.98 5.13
C GLU A 45 -3.43 -12.02 6.10
N GLY A 1 9.83 -7.46 -5.43
CA GLY A 1 9.99 -7.31 -3.99
C GLY A 1 9.12 -8.30 -3.24
N THR A 2 9.74 -9.38 -2.74
CA THR A 2 9.07 -10.44 -1.97
C THR A 2 9.90 -10.79 -0.70
N GLN A 3 10.87 -9.90 -0.38
CA GLN A 3 11.74 -10.02 0.82
C GLN A 3 10.96 -9.75 2.13
N GLY A 4 9.78 -9.11 2.01
CA GLY A 4 8.93 -8.79 3.15
C GLY A 4 7.77 -7.89 2.77
N GLU A 5 6.93 -7.53 3.77
CA GLU A 5 5.71 -6.70 3.59
C GLU A 5 6.05 -5.21 3.74
N ARG A 6 7.20 -4.77 3.19
CA ARG A 6 7.66 -3.38 3.30
C ARG A 6 7.57 -2.66 1.93
N CYS A 7 6.98 -1.45 1.97
CA CYS A 7 6.79 -0.57 0.80
C CYS A 7 8.17 -0.18 0.21
N ALA A 8 8.54 -0.83 -0.91
CA ALA A 8 9.92 -0.83 -1.45
C ALA A 8 10.47 0.58 -1.84
N VAL A 9 9.57 1.57 -1.95
CA VAL A 9 9.93 2.96 -2.28
C VAL A 9 10.57 3.67 -1.05
N HIS A 10 9.97 3.49 0.15
CA HIS A 10 10.40 4.22 1.38
C HIS A 10 11.30 3.32 2.26
N GLY A 11 10.91 2.03 2.34
CA GLY A 11 11.46 1.09 3.31
C GLY A 11 10.56 0.89 4.53
N GLU A 12 9.53 1.75 4.66
CA GLU A 12 8.49 1.64 5.71
C GLU A 12 7.54 0.48 5.39
N ARG A 13 7.06 -0.21 6.44
CA ARG A 13 6.14 -1.35 6.31
C ARG A 13 4.80 -0.92 5.65
N LEU A 14 4.22 -1.82 4.83
CA LEU A 14 3.02 -1.54 4.05
C LEU A 14 1.82 -2.34 4.61
N HIS A 15 0.63 -1.70 4.61
CA HIS A 15 -0.65 -2.38 4.79
C HIS A 15 -1.71 -1.60 4.01
N LEU A 16 -1.96 -2.05 2.76
CA LEU A 16 -3.05 -1.57 1.89
C LEU A 16 -3.14 -2.51 0.67
N PHE A 17 -4.30 -2.52 0.00
CA PHE A 17 -4.53 -3.31 -1.20
C PHE A 17 -5.31 -2.47 -2.22
N CYS A 18 -4.63 -2.08 -3.32
CA CYS A 18 -5.27 -1.50 -4.51
C CYS A 18 -6.16 -2.57 -5.16
N GLU A 19 -7.46 -2.36 -5.10
CA GLU A 19 -8.47 -3.27 -5.69
C GLU A 19 -8.54 -3.08 -7.22
N LYS A 20 -8.29 -1.84 -7.67
CA LYS A 20 -8.40 -1.46 -9.09
C LYS A 20 -7.13 -1.83 -9.89
N ASP A 21 -6.05 -2.21 -9.20
CA ASP A 21 -4.73 -2.44 -9.83
C ASP A 21 -4.13 -3.79 -9.39
N GLY A 22 -4.50 -4.23 -8.17
CA GLY A 22 -4.04 -5.50 -7.60
C GLY A 22 -2.63 -5.45 -7.04
N LYS A 23 -2.30 -4.32 -6.38
CA LYS A 23 -0.98 -4.09 -5.76
C LYS A 23 -1.14 -3.87 -4.26
N ALA A 24 -0.07 -4.19 -3.50
CA ALA A 24 -0.02 -3.98 -2.05
C ALA A 24 0.82 -2.73 -1.75
N LEU A 25 0.12 -1.65 -1.33
CA LEU A 25 0.76 -0.36 -0.96
C LEU A 25 0.70 -0.18 0.55
N CYS A 26 1.16 1.00 1.05
CA CYS A 26 1.01 1.38 2.46
C CYS A 26 -0.08 2.46 2.58
N TRP A 27 -0.52 2.70 3.84
CA TRP A 27 -1.45 3.79 4.19
C TRP A 27 -0.93 5.18 3.73
N VAL A 28 0.41 5.38 3.82
CA VAL A 28 1.08 6.64 3.36
C VAL A 28 0.84 6.88 1.85
N CYS A 29 0.83 5.80 1.05
CA CYS A 29 0.52 5.86 -0.40
C CYS A 29 -0.98 6.11 -0.64
N ALA A 30 -1.83 5.77 0.35
CA ALA A 30 -3.27 6.07 0.33
C ALA A 30 -3.58 7.46 0.93
N GLN A 31 -2.53 8.17 1.41
CA GLN A 31 -2.65 9.57 1.89
C GLN A 31 -1.74 10.50 1.07
N SER A 32 -1.25 9.97 -0.06
CA SER A 32 -0.28 10.65 -0.94
C SER A 32 -0.92 11.84 -1.68
N ARG A 33 -0.05 12.68 -2.27
CA ARG A 33 -0.44 13.79 -3.14
C ARG A 33 -1.16 13.24 -4.40
N LYS A 34 -0.68 12.08 -4.88
CA LYS A 34 -1.18 11.45 -6.10
C LYS A 34 -2.40 10.54 -5.82
N HIS A 35 -2.32 9.73 -4.76
CA HIS A 35 -3.35 8.70 -4.45
C HIS A 35 -3.92 8.88 -3.05
N ARG A 36 -5.27 8.78 -2.95
CA ARG A 36 -6.00 8.84 -1.68
C ARG A 36 -7.24 7.92 -1.70
N ASP A 37 -8.31 8.41 -2.35
CA ASP A 37 -9.67 7.84 -2.24
C ASP A 37 -10.04 7.02 -3.49
N HIS A 38 -9.04 6.29 -4.03
CA HIS A 38 -9.25 5.37 -5.17
C HIS A 38 -9.73 4.01 -4.64
N ALA A 39 -10.05 3.06 -5.55
CA ALA A 39 -10.46 1.69 -5.15
C ALA A 39 -9.28 0.95 -4.50
N MET A 40 -9.19 1.11 -3.17
CA MET A 40 -8.14 0.51 -2.34
C MET A 40 -8.65 0.37 -0.90
N VAL A 41 -8.50 -0.82 -0.31
CA VAL A 41 -8.84 -1.09 1.10
C VAL A 41 -7.55 -1.23 1.94
N PRO A 42 -7.46 -0.59 3.14
CA PRO A 42 -6.31 -0.78 4.06
C PRO A 42 -6.32 -2.20 4.66
N LEU A 43 -5.23 -2.96 4.41
CA LEU A 43 -5.08 -4.33 4.93
C LEU A 43 -4.78 -4.26 6.44
N GLU A 44 -5.85 -4.17 7.24
CA GLU A 44 -5.73 -4.07 8.71
C GLU A 44 -6.70 -5.10 9.31
N GLU A 45 -6.14 -6.24 9.72
CA GLU A 45 -6.91 -7.43 10.12
C GLU A 45 -6.13 -8.23 11.19
N GLY A 1 14.12 -13.00 3.11
CA GLY A 1 14.77 -11.97 2.31
C GLY A 1 13.83 -11.38 1.25
N THR A 2 13.50 -12.19 0.24
CA THR A 2 12.71 -11.77 -0.93
C THR A 2 11.24 -11.43 -0.59
N GLN A 3 10.72 -12.00 0.52
CA GLN A 3 9.36 -11.69 1.02
C GLN A 3 9.36 -10.26 1.61
N GLY A 4 9.04 -9.28 0.75
CA GLY A 4 9.07 -7.87 1.10
C GLY A 4 7.69 -7.30 1.35
N GLU A 5 7.18 -7.50 2.59
CA GLU A 5 5.91 -6.89 3.06
C GLU A 5 6.15 -5.45 3.59
N ARG A 6 7.21 -4.81 3.07
CA ARG A 6 7.64 -3.44 3.37
C ARG A 6 7.69 -2.64 2.06
N CYS A 7 7.11 -1.41 2.06
CA CYS A 7 7.10 -0.51 0.89
C CYS A 7 8.55 -0.12 0.55
N ALA A 8 9.11 -0.74 -0.51
CA ALA A 8 10.55 -0.66 -0.86
C ALA A 8 11.09 0.77 -1.04
N VAL A 9 10.17 1.73 -1.28
CA VAL A 9 10.51 3.14 -1.45
C VAL A 9 11.02 3.78 -0.13
N HIS A 10 10.24 3.60 0.97
CA HIS A 10 10.53 4.25 2.28
C HIS A 10 11.32 3.29 3.18
N GLY A 11 10.95 2.00 3.12
CA GLY A 11 11.57 0.96 3.93
C GLY A 11 10.81 0.64 5.22
N GLU A 12 9.52 1.05 5.31
CA GLU A 12 8.63 0.71 6.44
C GLU A 12 7.61 -0.37 6.01
N ARG A 13 6.93 -0.95 6.99
CA ARG A 13 5.98 -2.06 6.80
C ARG A 13 4.71 -1.56 6.06
N LEU A 14 4.39 -2.22 4.93
CA LEU A 14 3.23 -1.85 4.08
C LEU A 14 2.00 -2.64 4.55
N HIS A 15 0.87 -1.93 4.74
CA HIS A 15 -0.46 -2.55 4.87
C HIS A 15 -1.50 -1.64 4.20
N LEU A 16 -1.77 -1.95 2.92
CA LEU A 16 -2.84 -1.37 2.11
C LEU A 16 -2.90 -2.21 0.81
N PHE A 17 -4.07 -2.32 0.21
CA PHE A 17 -4.26 -3.03 -1.07
C PHE A 17 -5.33 -2.27 -1.87
N CYS A 18 -4.90 -1.64 -2.96
CA CYS A 18 -5.78 -0.92 -3.85
C CYS A 18 -6.32 -1.92 -4.87
N GLU A 19 -7.62 -2.19 -4.79
CA GLU A 19 -8.32 -3.18 -5.62
C GLU A 19 -8.50 -2.69 -7.06
N LYS A 20 -8.64 -1.36 -7.23
CA LYS A 20 -8.78 -0.72 -8.56
C LYS A 20 -7.41 -0.59 -9.26
N ASP A 21 -6.39 -0.14 -8.50
CA ASP A 21 -5.02 0.09 -9.01
C ASP A 21 -4.26 -1.25 -9.08
N GLY A 22 -4.70 -2.22 -8.28
CA GLY A 22 -4.15 -3.58 -8.24
C GLY A 22 -2.73 -3.66 -7.71
N LYS A 23 -2.45 -2.87 -6.66
CA LYS A 23 -1.13 -2.85 -5.99
C LYS A 23 -1.30 -2.93 -4.46
N ALA A 24 -0.44 -3.73 -3.82
CA ALA A 24 -0.31 -3.76 -2.35
C ALA A 24 0.54 -2.55 -1.92
N LEU A 25 -0.15 -1.49 -1.45
CA LEU A 25 0.48 -0.22 -1.06
C LEU A 25 0.74 -0.18 0.45
N CYS A 26 1.28 0.95 0.93
CA CYS A 26 1.44 1.22 2.37
C CYS A 26 0.48 2.35 2.76
N TRP A 27 0.39 2.64 4.08
CA TRP A 27 -0.41 3.76 4.62
C TRP A 27 0.05 5.13 4.03
N VAL A 28 1.39 5.29 3.88
CA VAL A 28 2.00 6.54 3.37
C VAL A 28 1.56 6.84 1.92
N CYS A 29 1.52 5.79 1.07
CA CYS A 29 1.07 5.90 -0.36
C CYS A 29 -0.48 5.93 -0.46
N ALA A 30 -1.16 5.53 0.64
CA ALA A 30 -2.64 5.63 0.76
C ALA A 30 -3.06 7.08 1.09
N GLN A 31 -2.20 7.77 1.87
CA GLN A 31 -2.36 9.19 2.21
C GLN A 31 -1.88 10.08 1.07
N SER A 32 -0.93 9.54 0.27
CA SER A 32 -0.45 10.20 -0.95
C SER A 32 -1.56 10.20 -1.99
N ARG A 33 -2.10 11.40 -2.28
CA ARG A 33 -3.18 11.61 -3.26
C ARG A 33 -2.59 11.89 -4.66
N LYS A 34 -1.48 11.16 -4.97
CA LYS A 34 -0.71 11.29 -6.22
C LYS A 34 -1.60 11.08 -7.46
N HIS A 35 -2.47 10.07 -7.38
CA HIS A 35 -3.43 9.76 -8.46
C HIS A 35 -4.85 9.97 -7.93
N ARG A 36 -5.30 9.03 -7.08
CA ARG A 36 -6.66 9.04 -6.49
C ARG A 36 -6.77 7.93 -5.44
N ASP A 37 -7.84 8.03 -4.65
CA ASP A 37 -8.23 7.04 -3.63
C ASP A 37 -9.28 6.06 -4.25
N HIS A 38 -10.27 5.59 -3.43
CA HIS A 38 -11.38 4.67 -3.85
C HIS A 38 -10.88 3.22 -3.96
N ALA A 39 -11.74 2.26 -3.52
CA ALA A 39 -11.49 0.80 -3.60
C ALA A 39 -10.07 0.43 -3.10
N MET A 40 -9.80 0.76 -1.83
CA MET A 40 -8.51 0.48 -1.17
C MET A 40 -8.77 -0.07 0.24
N VAL A 41 -8.49 -1.36 0.44
CA VAL A 41 -8.65 -2.04 1.73
C VAL A 41 -7.26 -2.24 2.40
N PRO A 42 -7.09 -1.91 3.72
CA PRO A 42 -5.82 -2.16 4.45
C PRO A 42 -5.57 -3.68 4.62
N LEU A 43 -4.32 -4.11 4.51
CA LEU A 43 -3.94 -5.52 4.65
C LEU A 43 -3.97 -5.94 6.12
N GLU A 44 -5.07 -6.61 6.52
CA GLU A 44 -5.25 -7.19 7.85
C GLU A 44 -5.45 -8.71 7.67
N GLU A 45 -4.36 -9.37 7.21
CA GLU A 45 -4.29 -10.81 6.93
C GLU A 45 -5.15 -11.15 5.67
N GLY A 1 18.54 -6.32 2.60
CA GLY A 1 17.53 -6.23 3.65
C GLY A 1 16.19 -6.76 3.16
N THR A 2 15.83 -7.99 3.56
CA THR A 2 14.66 -8.72 3.06
C THR A 2 13.34 -8.00 3.41
N GLN A 3 12.88 -7.16 2.47
CA GLN A 3 11.59 -6.45 2.56
C GLN A 3 10.46 -7.39 2.10
N GLY A 4 9.62 -7.86 3.04
CA GLY A 4 8.46 -8.70 2.71
C GLY A 4 7.33 -7.90 2.06
N GLU A 5 6.20 -7.75 2.77
CA GLU A 5 5.13 -6.80 2.37
C GLU A 5 5.52 -5.42 2.90
N ARG A 6 6.63 -4.88 2.38
CA ARG A 6 7.24 -3.64 2.89
C ARG A 6 7.53 -2.69 1.71
N CYS A 7 7.13 -1.41 1.86
CA CYS A 7 7.34 -0.35 0.83
C CYS A 7 8.84 -0.04 0.79
N ALA A 8 9.54 -0.58 -0.23
CA ALA A 8 11.03 -0.57 -0.28
C ALA A 8 11.62 0.84 -0.48
N VAL A 9 10.76 1.82 -0.79
CA VAL A 9 11.15 3.24 -0.91
C VAL A 9 11.53 3.83 0.48
N HIS A 10 10.63 3.64 1.45
CA HIS A 10 10.81 4.15 2.83
C HIS A 10 11.56 3.09 3.66
N GLY A 11 11.31 1.81 3.33
CA GLY A 11 11.84 0.66 4.06
C GLY A 11 10.87 0.15 5.13
N GLU A 12 9.71 0.82 5.22
CA GLU A 12 8.65 0.51 6.22
C GLU A 12 7.82 -0.70 5.78
N ARG A 13 7.16 -1.34 6.76
CA ARG A 13 6.11 -2.34 6.51
C ARG A 13 4.85 -1.64 5.96
N LEU A 14 4.26 -2.17 4.88
CA LEU A 14 3.09 -1.58 4.23
C LEU A 14 1.82 -2.33 4.63
N HIS A 15 0.69 -1.61 4.69
CA HIS A 15 -0.65 -2.20 4.81
C HIS A 15 -1.65 -1.34 4.02
N LEU A 16 -1.90 -1.75 2.75
CA LEU A 16 -2.92 -1.16 1.86
C LEU A 16 -3.04 -2.07 0.62
N PHE A 17 -4.20 -2.71 0.41
CA PHE A 17 -4.49 -3.43 -0.85
C PHE A 17 -5.27 -2.49 -1.78
N CYS A 18 -4.65 -2.08 -2.89
CA CYS A 18 -5.31 -1.28 -3.90
C CYS A 18 -6.04 -2.25 -4.84
N GLU A 19 -7.37 -2.20 -4.81
CA GLU A 19 -8.24 -3.13 -5.56
C GLU A 19 -8.28 -2.80 -7.07
N LYS A 20 -8.17 -1.49 -7.40
CA LYS A 20 -8.15 -1.02 -8.80
C LYS A 20 -6.81 -1.32 -9.48
N ASP A 21 -5.72 -1.14 -8.71
CA ASP A 21 -4.33 -1.34 -9.19
C ASP A 21 -3.93 -2.83 -9.04
N GLY A 22 -4.57 -3.49 -8.08
CA GLY A 22 -4.35 -4.92 -7.78
C GLY A 22 -2.99 -5.21 -7.14
N LYS A 23 -2.45 -4.20 -6.43
CA LYS A 23 -1.14 -4.30 -5.75
C LYS A 23 -1.24 -3.80 -4.32
N ALA A 24 -0.34 -4.34 -3.48
CA ALA A 24 -0.24 -3.97 -2.08
C ALA A 24 0.63 -2.71 -1.94
N LEU A 25 -0.04 -1.56 -1.78
CA LEU A 25 0.61 -0.25 -1.55
C LEU A 25 0.80 -0.02 -0.04
N CYS A 26 1.34 1.15 0.33
CA CYS A 26 1.44 1.55 1.75
C CYS A 26 0.51 2.74 2.02
N TRP A 27 0.19 2.94 3.32
CA TRP A 27 -0.60 4.08 3.82
C TRP A 27 -0.03 5.44 3.33
N VAL A 28 1.31 5.59 3.39
CA VAL A 28 2.01 6.83 2.97
C VAL A 28 1.73 7.19 1.49
N CYS A 29 1.85 6.18 0.61
CA CYS A 29 1.61 6.35 -0.84
C CYS A 29 0.09 6.36 -1.19
N ALA A 30 -0.76 5.92 -0.23
CA ALA A 30 -2.22 5.93 -0.36
C ALA A 30 -2.80 7.32 -0.05
N GLN A 31 -2.23 7.97 1.00
CA GLN A 31 -2.60 9.33 1.40
C GLN A 31 -1.72 10.38 0.70
N SER A 32 -0.99 9.94 -0.36
CA SER A 32 -0.27 10.82 -1.29
C SER A 32 -1.26 11.53 -2.24
N ARG A 33 -0.82 12.63 -2.88
CA ARG A 33 -1.65 13.45 -3.80
C ARG A 33 -2.12 12.61 -5.02
N LYS A 34 -1.36 11.55 -5.36
CA LYS A 34 -1.67 10.64 -6.48
C LYS A 34 -3.01 9.89 -6.26
N HIS A 35 -3.37 9.64 -4.98
CA HIS A 35 -4.57 8.86 -4.61
C HIS A 35 -5.46 9.66 -3.65
N ARG A 36 -6.74 9.24 -3.55
CA ARG A 36 -7.74 9.82 -2.65
C ARG A 36 -8.57 8.68 -2.02
N ASP A 37 -9.49 8.13 -2.84
CA ASP A 37 -10.43 7.07 -2.45
C ASP A 37 -11.09 6.60 -3.75
N HIS A 38 -10.63 5.46 -4.27
CA HIS A 38 -10.98 4.97 -5.62
C HIS A 38 -11.49 3.52 -5.51
N ALA A 39 -10.57 2.66 -5.02
CA ALA A 39 -10.80 1.24 -4.77
C ALA A 39 -9.52 0.72 -4.12
N MET A 40 -9.44 0.86 -2.78
CA MET A 40 -8.22 0.64 -2.01
C MET A 40 -8.55 0.57 -0.50
N VAL A 41 -8.41 -0.64 0.07
CA VAL A 41 -8.71 -0.95 1.48
C VAL A 41 -7.40 -1.38 2.22
N PRO A 42 -7.13 -0.90 3.47
CA PRO A 42 -5.92 -1.29 4.25
C PRO A 42 -5.86 -2.81 4.55
N LEU A 43 -4.64 -3.38 4.50
CA LEU A 43 -4.38 -4.79 4.84
C LEU A 43 -4.59 -4.99 6.36
N GLU A 44 -5.68 -5.69 6.71
CA GLU A 44 -6.04 -5.97 8.11
C GLU A 44 -5.34 -7.25 8.61
N GLU A 45 -4.00 -7.20 8.67
CA GLU A 45 -3.16 -8.34 9.12
C GLU A 45 -2.93 -8.24 10.64
N GLY A 1 12.72 -10.99 9.38
CA GLY A 1 12.08 -12.01 8.58
C GLY A 1 12.31 -11.79 7.08
N THR A 2 12.54 -12.88 6.34
CA THR A 2 12.81 -12.84 4.89
C THR A 2 11.59 -12.26 4.13
N GLN A 3 10.39 -12.60 4.60
CA GLN A 3 9.11 -12.06 4.08
C GLN A 3 8.73 -10.74 4.79
N GLY A 4 9.73 -9.85 4.95
CA GLY A 4 9.51 -8.51 5.49
C GLY A 4 8.69 -7.67 4.53
N GLU A 5 7.35 -7.69 4.72
CA GLU A 5 6.37 -7.00 3.85
C GLU A 5 6.51 -5.47 4.01
N ARG A 6 7.52 -4.90 3.34
CA ARG A 6 7.91 -3.49 3.54
C ARG A 6 7.90 -2.73 2.22
N CYS A 7 7.31 -1.52 2.23
CA CYS A 7 7.38 -0.59 1.10
C CYS A 7 8.83 -0.12 0.98
N ALA A 8 9.59 -0.70 0.04
CA ALA A 8 11.06 -0.53 -0.03
C ALA A 8 11.49 0.91 -0.40
N VAL A 9 10.51 1.71 -0.88
CA VAL A 9 10.72 3.15 -1.14
C VAL A 9 11.07 3.92 0.16
N HIS A 10 10.36 3.62 1.26
CA HIS A 10 10.53 4.33 2.57
C HIS A 10 11.31 3.43 3.54
N GLY A 11 11.01 2.12 3.48
CA GLY A 11 11.51 1.12 4.42
C GLY A 11 10.48 0.73 5.48
N GLU A 12 9.29 1.37 5.47
CA GLU A 12 8.19 1.04 6.42
C GLU A 12 7.50 -0.26 6.00
N ARG A 13 6.84 -0.95 6.94
CA ARG A 13 6.03 -2.14 6.65
C ARG A 13 4.74 -1.71 5.92
N LEU A 14 4.49 -2.29 4.72
CA LEU A 14 3.34 -1.95 3.88
C LEU A 14 2.12 -2.76 4.34
N HIS A 15 0.96 -2.08 4.44
CA HIS A 15 -0.36 -2.72 4.62
C HIS A 15 -1.40 -1.86 3.90
N LEU A 16 -1.69 -2.25 2.65
CA LEU A 16 -2.79 -1.70 1.82
C LEU A 16 -2.89 -2.57 0.55
N PHE A 17 -4.07 -2.64 -0.07
CA PHE A 17 -4.28 -3.32 -1.36
C PHE A 17 -5.31 -2.51 -2.14
N CYS A 18 -4.90 -2.05 -3.32
CA CYS A 18 -5.80 -1.31 -4.22
C CYS A 18 -6.64 -2.32 -5.05
N GLU A 19 -7.96 -2.16 -4.99
CA GLU A 19 -8.92 -3.06 -5.68
C GLU A 19 -8.87 -2.90 -7.21
N LYS A 20 -8.58 -1.68 -7.68
CA LYS A 20 -8.54 -1.37 -9.14
C LYS A 20 -7.13 -1.57 -9.71
N ASP A 21 -6.10 -1.14 -8.96
CA ASP A 21 -4.67 -1.21 -9.39
C ASP A 21 -4.12 -2.65 -9.22
N GLY A 22 -4.68 -3.38 -8.23
CA GLY A 22 -4.35 -4.80 -8.01
C GLY A 22 -2.97 -5.04 -7.45
N LYS A 23 -2.52 -4.13 -6.57
CA LYS A 23 -1.18 -4.20 -5.95
C LYS A 23 -1.24 -3.97 -4.43
N ALA A 24 -0.32 -4.63 -3.72
CA ALA A 24 -0.14 -4.50 -2.27
C ALA A 24 0.71 -3.25 -1.97
N LEU A 25 0.04 -2.17 -1.59
CA LEU A 25 0.65 -0.86 -1.33
C LEU A 25 0.83 -0.62 0.18
N CYS A 26 1.31 0.57 0.53
CA CYS A 26 1.30 1.07 1.92
C CYS A 26 0.28 2.22 2.02
N TRP A 27 0.00 2.69 3.24
CA TRP A 27 -0.89 3.88 3.47
C TRP A 27 -0.34 5.13 2.74
N VAL A 28 0.97 5.39 2.88
CA VAL A 28 1.65 6.60 2.33
C VAL A 28 1.42 6.76 0.80
N CYS A 29 1.63 5.66 0.04
CA CYS A 29 1.48 5.67 -1.43
C CYS A 29 -0.01 5.65 -1.85
N ALA A 30 -0.91 5.24 -0.94
CA ALA A 30 -2.35 5.22 -1.20
C ALA A 30 -2.96 6.62 -0.99
N GLN A 31 -2.39 7.33 -0.01
CA GLN A 31 -2.93 8.62 0.49
C GLN A 31 -1.97 9.78 0.18
N SER A 32 -1.06 9.55 -0.77
CA SER A 32 -0.12 10.58 -1.25
C SER A 32 -0.88 11.62 -2.09
N ARG A 33 -0.23 12.77 -2.35
CA ARG A 33 -0.82 13.86 -3.16
C ARG A 33 -1.13 13.35 -4.58
N LYS A 34 -2.31 13.77 -5.11
CA LYS A 34 -2.86 13.31 -6.44
C LYS A 34 -3.53 11.93 -6.32
N HIS A 35 -2.92 11.00 -5.55
CA HIS A 35 -3.50 9.67 -5.25
C HIS A 35 -4.77 9.85 -4.41
N ARG A 36 -5.94 9.75 -5.07
CA ARG A 36 -7.25 10.07 -4.47
C ARG A 36 -7.83 8.87 -3.72
N ASP A 37 -8.74 9.13 -2.76
CA ASP A 37 -9.44 8.10 -1.99
C ASP A 37 -10.44 7.37 -2.90
N HIS A 38 -10.06 6.16 -3.32
CA HIS A 38 -10.91 5.23 -4.08
C HIS A 38 -10.97 3.88 -3.31
N ALA A 39 -11.30 2.78 -4.01
CA ALA A 39 -11.38 1.43 -3.41
C ALA A 39 -9.97 0.95 -2.95
N MET A 40 -9.63 1.28 -1.70
CA MET A 40 -8.38 0.88 -1.02
C MET A 40 -8.74 0.09 0.24
N VAL A 41 -8.31 -1.17 0.34
CA VAL A 41 -8.64 -2.09 1.46
C VAL A 41 -7.36 -2.50 2.23
N PRO A 42 -7.43 -2.70 3.59
CA PRO A 42 -6.24 -3.06 4.42
C PRO A 42 -5.74 -4.50 4.17
N LEU A 43 -4.43 -4.71 4.37
CA LEU A 43 -3.82 -6.04 4.43
C LEU A 43 -3.75 -6.48 5.88
N GLU A 44 -4.14 -7.73 6.15
CA GLU A 44 -4.00 -8.38 7.47
C GLU A 44 -3.44 -9.80 7.27
N GLU A 45 -2.98 -10.43 8.34
CA GLU A 45 -2.33 -11.74 8.29
C GLU A 45 -2.85 -12.62 9.46
N GLY A 1 15.18 -12.54 0.49
CA GLY A 1 14.68 -13.28 1.65
C GLY A 1 13.22 -13.66 1.50
N THR A 2 12.40 -12.66 1.17
CA THR A 2 10.94 -12.81 1.06
C THR A 2 10.38 -11.84 -0.02
N GLN A 3 9.05 -11.80 -0.13
CA GLN A 3 8.33 -10.89 -1.06
C GLN A 3 8.48 -9.40 -0.65
N GLY A 4 7.85 -8.50 -1.43
CA GLY A 4 7.78 -7.08 -1.10
C GLY A 4 6.76 -6.82 0.00
N GLU A 5 7.14 -7.15 1.25
CA GLU A 5 6.32 -6.89 2.45
C GLU A 5 6.53 -5.46 2.98
N ARG A 6 7.61 -4.82 2.51
CA ARG A 6 7.99 -3.46 2.88
C ARG A 6 8.00 -2.58 1.61
N CYS A 7 7.43 -1.37 1.73
CA CYS A 7 7.46 -0.38 0.66
C CYS A 7 8.91 0.11 0.54
N ALA A 8 9.65 -0.39 -0.47
CA ALA A 8 11.11 -0.19 -0.60
C ALA A 8 11.50 1.30 -0.75
N VAL A 9 10.53 2.12 -1.16
CA VAL A 9 10.69 3.57 -1.32
C VAL A 9 11.02 4.27 0.04
N HIS A 10 10.36 3.83 1.14
CA HIS A 10 10.56 4.46 2.49
C HIS A 10 11.36 3.51 3.40
N GLY A 11 11.09 2.21 3.27
CA GLY A 11 11.70 1.18 4.11
C GLY A 11 10.85 0.81 5.33
N GLU A 12 9.52 1.02 5.23
CA GLU A 12 8.55 0.59 6.28
C GLU A 12 7.65 -0.52 5.72
N ARG A 13 7.14 -1.38 6.63
CA ARG A 13 6.27 -2.51 6.27
C ARG A 13 4.91 -1.99 5.81
N LEU A 14 4.53 -2.37 4.59
CA LEU A 14 3.35 -1.83 3.90
C LEU A 14 2.07 -2.53 4.38
N HIS A 15 0.99 -1.75 4.58
CA HIS A 15 -0.37 -2.27 4.78
C HIS A 15 -1.38 -1.33 4.13
N LEU A 16 -1.80 -1.72 2.91
CA LEU A 16 -2.92 -1.13 2.15
C LEU A 16 -3.17 -2.12 0.98
N PHE A 17 -4.42 -2.33 0.59
CA PHE A 17 -4.75 -3.17 -0.57
C PHE A 17 -5.71 -2.40 -1.49
N CYS A 18 -5.25 -2.09 -2.71
CA CYS A 18 -6.04 -1.38 -3.72
C CYS A 18 -6.66 -2.39 -4.69
N GLU A 19 -7.97 -2.24 -4.95
CA GLU A 19 -8.75 -3.14 -5.82
C GLU A 19 -8.42 -2.89 -7.30
N LYS A 20 -8.50 -1.61 -7.73
CA LYS A 20 -8.29 -1.21 -9.14
C LYS A 20 -6.84 -1.51 -9.58
N ASP A 21 -5.89 -1.29 -8.67
CA ASP A 21 -4.45 -1.48 -8.91
C ASP A 21 -4.08 -2.97 -8.70
N GLY A 22 -4.83 -3.63 -7.81
CA GLY A 22 -4.62 -5.05 -7.49
C GLY A 22 -3.29 -5.31 -6.82
N LYS A 23 -2.86 -4.35 -5.98
CA LYS A 23 -1.53 -4.35 -5.37
C LYS A 23 -1.62 -4.06 -3.87
N ALA A 24 -0.69 -4.67 -3.14
CA ALA A 24 -0.49 -4.40 -1.72
C ALA A 24 0.41 -3.18 -1.58
N LEU A 25 -0.22 -2.02 -1.32
CA LEU A 25 0.45 -0.73 -1.12
C LEU A 25 0.72 -0.48 0.37
N CYS A 26 1.29 0.69 0.71
CA CYS A 26 1.46 1.11 2.11
C CYS A 26 0.49 2.26 2.40
N TRP A 27 0.21 2.49 3.71
CA TRP A 27 -0.67 3.59 4.16
C TRP A 27 -0.13 4.98 3.71
N VAL A 28 1.20 5.11 3.66
CA VAL A 28 1.90 6.36 3.28
C VAL A 28 1.58 6.73 1.80
N CYS A 29 1.60 5.72 0.89
CA CYS A 29 1.31 5.94 -0.56
C CYS A 29 -0.21 6.05 -0.82
N ALA A 30 -1.02 5.60 0.16
CA ALA A 30 -2.47 5.83 0.17
C ALA A 30 -2.78 7.29 0.51
N GLN A 31 -2.03 7.84 1.48
CA GLN A 31 -2.23 9.21 2.00
C GLN A 31 -1.46 10.26 1.19
N SER A 32 -0.57 9.82 0.28
CA SER A 32 0.03 10.72 -0.71
C SER A 32 -1.05 11.07 -1.74
N ARG A 33 -1.54 12.32 -1.72
CA ARG A 33 -2.74 12.74 -2.50
C ARG A 33 -2.40 12.95 -4.01
N LYS A 34 -1.19 12.53 -4.43
CA LYS A 34 -0.84 12.32 -5.85
C LYS A 34 -1.71 11.20 -6.46
N HIS A 35 -2.33 10.39 -5.60
CA HIS A 35 -3.28 9.34 -5.97
C HIS A 35 -4.71 9.83 -5.64
N ARG A 36 -5.72 8.97 -5.87
CA ARG A 36 -7.12 9.32 -5.63
C ARG A 36 -7.88 8.09 -5.10
N ASP A 37 -8.77 8.34 -4.12
CA ASP A 37 -9.59 7.30 -3.46
C ASP A 37 -10.54 6.64 -4.48
N HIS A 38 -10.14 5.47 -4.97
CA HIS A 38 -10.95 4.65 -5.88
C HIS A 38 -10.73 3.18 -5.49
N ALA A 39 -11.62 2.69 -4.62
CA ALA A 39 -11.64 1.29 -4.15
C ALA A 39 -10.28 0.89 -3.50
N MET A 40 -9.92 1.58 -2.42
CA MET A 40 -8.68 1.35 -1.66
C MET A 40 -9.06 1.03 -0.21
N VAL A 41 -8.88 -0.23 0.18
CA VAL A 41 -9.17 -0.74 1.53
C VAL A 41 -7.84 -1.03 2.28
N PRO A 42 -7.82 -1.16 3.65
CA PRO A 42 -6.61 -1.60 4.39
C PRO A 42 -6.26 -3.07 4.04
N LEU A 43 -4.96 -3.41 4.09
CA LEU A 43 -4.47 -4.75 3.76
C LEU A 43 -4.93 -5.73 4.87
N GLU A 44 -6.03 -6.43 4.58
CA GLU A 44 -6.59 -7.47 5.44
C GLU A 44 -7.20 -8.56 4.56
N GLU A 45 -6.85 -9.81 4.83
CA GLU A 45 -7.35 -10.98 4.08
C GLU A 45 -8.75 -11.39 4.62
N GLY A 1 9.53 -13.83 -2.49
CA GLY A 1 10.85 -14.42 -2.26
C GLY A 1 11.78 -13.53 -1.41
N THR A 2 11.68 -12.21 -1.61
CA THR A 2 12.42 -11.20 -0.82
C THR A 2 11.59 -10.75 0.41
N GLN A 3 10.36 -11.31 0.52
CA GLN A 3 9.31 -10.84 1.44
C GLN A 3 9.04 -9.35 1.20
N GLY A 4 8.39 -9.05 0.05
CA GLY A 4 8.01 -7.68 -0.33
C GLY A 4 6.78 -7.16 0.43
N GLU A 5 6.79 -7.36 1.76
CA GLU A 5 5.75 -6.89 2.68
C GLU A 5 6.14 -5.53 3.28
N ARG A 6 7.27 -4.98 2.79
CA ARG A 6 7.76 -3.64 3.13
C ARG A 6 7.73 -2.76 1.88
N CYS A 7 7.24 -1.52 2.03
CA CYS A 7 7.22 -0.54 0.93
C CYS A 7 8.66 -0.13 0.65
N ALA A 8 9.23 -0.68 -0.43
CA ALA A 8 10.66 -0.56 -0.80
C ALA A 8 11.18 0.90 -0.81
N VAL A 9 10.28 1.85 -1.12
CA VAL A 9 10.61 3.28 -1.23
C VAL A 9 11.05 3.88 0.13
N HIS A 10 10.35 3.53 1.23
CA HIS A 10 10.63 4.12 2.58
C HIS A 10 11.43 3.11 3.44
N GLY A 11 11.09 1.82 3.29
CA GLY A 11 11.76 0.71 4.00
C GLY A 11 10.97 0.20 5.22
N GLU A 12 9.75 0.73 5.45
CA GLU A 12 8.86 0.28 6.55
C GLU A 12 7.87 -0.78 6.04
N ARG A 13 7.20 -1.49 6.96
CA ARG A 13 6.26 -2.57 6.62
C ARG A 13 4.96 -1.98 6.03
N LEU A 14 4.63 -2.37 4.78
CA LEU A 14 3.44 -1.89 4.06
C LEU A 14 2.21 -2.66 4.55
N HIS A 15 1.10 -1.94 4.77
CA HIS A 15 -0.23 -2.57 4.95
C HIS A 15 -1.28 -1.63 4.33
N LEU A 16 -1.62 -1.94 3.07
CA LEU A 16 -2.77 -1.37 2.32
C LEU A 16 -2.87 -2.16 1.00
N PHE A 17 -4.06 -2.32 0.45
CA PHE A 17 -4.24 -2.93 -0.89
C PHE A 17 -5.15 -2.03 -1.71
N CYS A 18 -4.62 -1.43 -2.77
CA CYS A 18 -5.41 -0.58 -3.66
C CYS A 18 -6.09 -1.50 -4.67
N GLU A 19 -7.43 -1.49 -4.70
CA GLU A 19 -8.24 -2.42 -5.50
C GLU A 19 -8.12 -2.10 -7.01
N LYS A 20 -8.10 -0.80 -7.32
CA LYS A 20 -8.03 -0.31 -8.71
C LYS A 20 -6.60 -0.45 -9.28
N ASP A 21 -5.60 -0.27 -8.41
CA ASP A 21 -4.16 -0.35 -8.77
C ASP A 21 -3.67 -1.81 -8.71
N GLY A 22 -4.37 -2.60 -7.87
CA GLY A 22 -4.14 -4.04 -7.72
C GLY A 22 -2.84 -4.40 -7.05
N LYS A 23 -2.17 -3.43 -6.42
CA LYS A 23 -0.90 -3.66 -5.71
C LYS A 23 -1.07 -3.45 -4.21
N ALA A 24 -0.26 -4.18 -3.44
CA ALA A 24 -0.18 -4.05 -1.99
C ALA A 24 0.67 -2.82 -1.65
N LEU A 25 -0.01 -1.72 -1.28
CA LEU A 25 0.62 -0.44 -0.94
C LEU A 25 0.81 -0.33 0.58
N CYS A 26 1.32 0.83 1.03
CA CYS A 26 1.44 1.15 2.45
C CYS A 26 0.47 2.30 2.75
N TRP A 27 0.25 2.59 4.05
CA TRP A 27 -0.63 3.69 4.49
C TRP A 27 -0.07 5.07 4.06
N VAL A 28 1.28 5.18 4.01
CA VAL A 28 1.99 6.41 3.56
C VAL A 28 1.59 6.79 2.11
N CYS A 29 1.59 5.77 1.21
CA CYS A 29 1.23 5.96 -0.22
C CYS A 29 -0.30 6.01 -0.41
N ALA A 30 -1.05 5.50 0.59
CA ALA A 30 -2.51 5.53 0.58
C ALA A 30 -3.03 6.96 0.80
N GLN A 31 -2.49 7.62 1.85
CA GLN A 31 -2.82 9.02 2.19
C GLN A 31 -2.11 10.01 1.24
N SER A 32 -1.04 9.54 0.56
CA SER A 32 -0.35 10.32 -0.48
C SER A 32 -1.31 10.56 -1.67
N ARG A 33 -1.23 11.76 -2.26
CA ARG A 33 -2.19 12.23 -3.27
C ARG A 33 -2.10 11.39 -4.56
N LYS A 34 -3.24 10.78 -4.92
CA LYS A 34 -3.37 9.95 -6.12
C LYS A 34 -4.32 10.62 -7.12
N HIS A 35 -4.25 10.16 -8.37
CA HIS A 35 -5.13 10.59 -9.48
C HIS A 35 -6.61 10.27 -9.16
N ARG A 36 -6.82 9.21 -8.36
CA ARG A 36 -8.13 8.70 -7.98
C ARG A 36 -7.94 7.73 -6.79
N ASP A 37 -8.02 8.25 -5.55
CA ASP A 37 -7.82 7.45 -4.32
C ASP A 37 -9.16 7.26 -3.58
N HIS A 38 -9.66 6.00 -3.57
CA HIS A 38 -10.87 5.60 -2.84
C HIS A 38 -10.96 4.06 -2.78
N ALA A 39 -10.75 3.41 -3.95
CA ALA A 39 -10.78 1.95 -4.09
C ALA A 39 -9.54 1.33 -3.45
N MET A 40 -9.66 1.03 -2.14
CA MET A 40 -8.58 0.46 -1.33
C MET A 40 -9.18 -0.17 -0.05
N VAL A 41 -8.59 -1.31 0.35
CA VAL A 41 -8.97 -2.08 1.55
C VAL A 41 -7.73 -2.34 2.43
N PRO A 42 -7.90 -2.47 3.78
CA PRO A 42 -6.76 -2.72 4.71
C PRO A 42 -6.25 -4.18 4.63
N LEU A 43 -4.92 -4.36 4.69
CA LEU A 43 -4.29 -5.68 4.75
C LEU A 43 -4.19 -6.14 6.22
N GLU A 44 -5.19 -6.87 6.68
CA GLU A 44 -5.19 -7.54 7.98
C GLU A 44 -5.23 -9.06 7.72
N GLU A 45 -4.04 -9.60 7.42
CA GLU A 45 -3.86 -11.00 6.98
C GLU A 45 -3.20 -11.83 8.11
N GLY A 1 10.89 -16.78 7.87
CA GLY A 1 11.59 -16.62 6.59
C GLY A 1 10.91 -15.60 5.70
N THR A 2 9.75 -15.98 5.14
CA THR A 2 8.97 -15.10 4.23
C THR A 2 7.81 -14.42 5.00
N GLN A 3 8.11 -13.23 5.55
CA GLN A 3 7.12 -12.39 6.28
C GLN A 3 7.57 -10.92 6.25
N GLY A 4 6.65 -10.03 6.63
CA GLY A 4 6.94 -8.60 6.71
C GLY A 4 7.02 -7.96 5.35
N GLU A 5 5.86 -7.80 4.71
CA GLU A 5 5.73 -7.03 3.45
C GLU A 5 6.13 -5.58 3.72
N ARG A 6 7.14 -5.06 3.00
CA ARG A 6 7.72 -3.73 3.27
C ARG A 6 7.80 -2.88 2.01
N CYS A 7 7.39 -1.59 2.15
CA CYS A 7 7.50 -0.60 1.07
C CYS A 7 8.98 -0.23 0.93
N ALA A 8 9.64 -0.78 -0.10
CA ALA A 8 11.09 -0.65 -0.33
C ALA A 8 11.53 0.82 -0.56
N VAL A 9 10.56 1.67 -0.93
CA VAL A 9 10.80 3.09 -1.23
C VAL A 9 11.21 3.86 0.05
N HIS A 10 10.55 3.55 1.18
CA HIS A 10 10.79 4.26 2.47
C HIS A 10 11.65 3.38 3.40
N GLY A 11 11.35 2.06 3.36
CA GLY A 11 11.94 1.10 4.30
C GLY A 11 11.10 0.96 5.55
N GLU A 12 9.82 0.62 5.34
CA GLU A 12 8.80 0.45 6.41
C GLU A 12 7.89 -0.74 6.06
N ARG A 13 7.18 -1.27 7.07
CA ARG A 13 6.16 -2.32 6.88
C ARG A 13 4.91 -1.69 6.22
N LEU A 14 4.28 -2.44 5.28
CA LEU A 14 3.11 -1.96 4.53
C LEU A 14 1.88 -2.79 4.88
N HIS A 15 0.72 -2.12 5.01
CA HIS A 15 -0.60 -2.76 5.02
C HIS A 15 -1.59 -1.86 4.26
N LEU A 16 -1.77 -2.17 2.97
CA LEU A 16 -2.76 -1.53 2.09
C LEU A 16 -2.82 -2.37 0.80
N PHE A 17 -3.98 -2.42 0.18
CA PHE A 17 -4.19 -3.10 -1.09
C PHE A 17 -4.98 -2.18 -2.03
N CYS A 18 -4.37 -1.82 -3.16
CA CYS A 18 -5.04 -1.09 -4.22
C CYS A 18 -5.87 -2.09 -5.00
N GLU A 19 -7.20 -2.02 -4.86
CA GLU A 19 -8.12 -2.95 -5.52
C GLU A 19 -8.25 -2.61 -7.02
N LYS A 20 -8.21 -1.29 -7.31
CA LYS A 20 -8.36 -0.75 -8.68
C LYS A 20 -7.15 -1.11 -9.58
N ASP A 21 -6.00 -1.38 -8.94
CA ASP A 21 -4.73 -1.71 -9.64
C ASP A 21 -4.35 -3.19 -9.40
N GLY A 22 -4.74 -3.71 -8.23
CA GLY A 22 -4.43 -5.07 -7.81
C GLY A 22 -2.99 -5.27 -7.36
N LYS A 23 -2.50 -4.37 -6.50
CA LYS A 23 -1.15 -4.47 -5.88
C LYS A 23 -1.17 -4.02 -4.42
N ALA A 24 -0.32 -4.66 -3.60
CA ALA A 24 -0.20 -4.38 -2.16
C ALA A 24 0.70 -3.15 -1.93
N LEU A 25 0.08 -2.03 -1.55
CA LEU A 25 0.76 -0.76 -1.27
C LEU A 25 0.89 -0.55 0.25
N CYS A 26 1.42 0.62 0.64
CA CYS A 26 1.47 1.06 2.04
C CYS A 26 0.47 2.20 2.23
N TRP A 27 0.05 2.44 3.50
CA TRP A 27 -0.83 3.57 3.85
C TRP A 27 -0.28 4.92 3.33
N VAL A 28 1.06 5.11 3.41
CA VAL A 28 1.73 6.35 2.94
C VAL A 28 1.45 6.60 1.44
N CYS A 29 1.70 5.58 0.59
CA CYS A 29 1.52 5.71 -0.88
C CYS A 29 0.04 5.74 -1.28
N ALA A 30 -0.84 5.29 -0.38
CA ALA A 30 -2.29 5.34 -0.60
C ALA A 30 -2.80 6.78 -0.48
N GLN A 31 -2.53 7.38 0.70
CA GLN A 31 -3.05 8.71 1.06
C GLN A 31 -2.31 9.82 0.29
N SER A 32 -1.03 9.55 -0.04
CA SER A 32 -0.26 10.37 -0.98
C SER A 32 -0.79 10.05 -2.39
N ARG A 33 -1.74 10.87 -2.85
CA ARG A 33 -2.45 10.66 -4.11
C ARG A 33 -2.48 11.99 -4.89
N LYS A 34 -2.43 11.91 -6.22
CA LYS A 34 -2.51 13.09 -7.10
C LYS A 34 -3.86 13.79 -6.88
N HIS A 35 -4.96 13.02 -6.95
CA HIS A 35 -6.31 13.50 -6.62
C HIS A 35 -6.73 12.94 -5.23
N ARG A 36 -7.35 11.74 -5.20
CA ARG A 36 -7.82 11.10 -3.94
C ARG A 36 -8.09 9.59 -4.17
N ASP A 37 -7.94 8.81 -3.08
CA ASP A 37 -8.18 7.34 -3.03
C ASP A 37 -9.55 6.94 -3.61
N HIS A 38 -9.62 5.74 -4.19
CA HIS A 38 -10.86 5.19 -4.79
C HIS A 38 -11.18 3.81 -4.17
N ALA A 39 -10.31 2.84 -4.47
CA ALA A 39 -10.49 1.45 -4.02
C ALA A 39 -9.23 1.01 -3.25
N MET A 40 -9.27 1.20 -1.91
CA MET A 40 -8.13 0.93 -1.00
C MET A 40 -8.65 0.21 0.26
N VAL A 41 -8.13 -1.00 0.54
CA VAL A 41 -8.47 -1.77 1.76
C VAL A 41 -7.17 -2.23 2.47
N PRO A 42 -7.11 -2.20 3.85
CA PRO A 42 -5.91 -2.63 4.60
C PRO A 42 -5.67 -4.16 4.51
N LEU A 43 -4.41 -4.59 4.59
CA LEU A 43 -4.04 -6.02 4.53
C LEU A 43 -4.26 -6.66 5.92
N GLU A 44 -5.51 -7.11 6.17
CA GLU A 44 -5.95 -7.68 7.45
C GLU A 44 -5.87 -9.21 7.42
N GLU A 45 -4.69 -9.70 7.04
CA GLU A 45 -4.41 -11.12 6.84
C GLU A 45 -3.91 -11.76 8.16
#